data_6X9I
#
_entry.id   6X9I
#
_cell.length_a   161.886
_cell.length_b   77.698
_cell.length_c   115.408
_cell.angle_alpha   90.000
_cell.angle_beta   125.669
_cell.angle_gamma   90.000
#
_symmetry.space_group_name_H-M   'C 1 2 1'
#
loop_
_entity.id
_entity.type
_entity.pdbx_description
1 polymer 'DNA (cytosine-5)-methyltransferase 1'
2 polymer "DNA (5'-D(*GP*AP*GP*GP*CP*(5CM)P*GP*CP*CP*TP*GP*C)-3')"
3 polymer "DNA (5'-D(*GP*CP*AP*GP*G)-R(P*(PYO))-D(P*GP*GP*CP*CP*TP*C)-3')"
4 non-polymer S-ADENOSYL-L-HOMOCYSTEINE
5 non-polymer 'ZINC ION'
6 non-polymer 1,2-ETHANEDIOL
7 non-polymer GLYCEROL
8 water water
#
loop_
_entity_poly.entity_id
_entity_poly.type
_entity_poly.pdbx_seq_one_letter_code
_entity_poly.pdbx_strand_id
1 'polypeptide(L)'
;HMNRISWVGEAVKTDGKKSYYKKVCIDAETLEVGDCVSVIPDDSSKPLYLARVTALWEDSSNGQMFHAHWFCAGTDTVLG
ATSDPLELFLVDECEDMQLSYIHSKVKVIYKAPSENWAMEGGMDPESLLEGDDGKTYFYQLWYDQDYARFESPPKTQPTE
DNKFKFCVSCARLAEMRQKEIPRVLEQLEDLDSRVLYYSATKNGILYRVGDGVYLPPEAFTFNIKLSSPVKRPRKEPVDE
DLYPEHYRKYSDYIKGSNLDAPEPYRIGRIKEIFCPKKSNGRPNETDIKIRVNKFYRPENTHKSTPASYHADINLLYWSD
EEAVVDFKAVQGRCTVEYGEDLPECVQVYSMGGPNRFYFLEAYNAKSKSFEDPPNHARSPGNKGKGKGKGKGKPKSQACE
PSEPEIEIKLPKLRTLDVFSGCGGLSEGFHQAGISDTLWAIEMWDPAAQAFRLNNPGSTVFTEDCNILLKLVMAGETTNS
RGQRLPQKGDVEMLCGGPPCQGFSGMNRFNSRTYSKFKNSLVVSFLSYCDYYRPRFFLLENVRNFVSFKRSMVLKLTLRC
LVRMGYQCTFGVLQAGQYGVAQTRRRAIILAAAPGEKLPLFPEPLHVFAPRACQLSVVVDDKKFVSNITRLSSGPFRTIT
VRDTMSDLPEVRNGASALEISYNGEPQSWFQRQLRGAQYQPILRDHICKDMSALVAARMRHIPLAPGSDWRDLPNIEVRL
SDGTMARKLRYTHHDRKNGRSSSGALRGVCSCVEAGKACDPAARQFNTLIPWCLPHTGNRHNHWAGLYGRLEWDGFFSTT
VTNPEPMGKQGRVLHPEQHRVVSVRECARSQGFPDTYRLFGNILDKHRQVGNAVPPPLAKAIGLEIKLCMLAKA
;
A
2 'polydeoxyribonucleotide' (DG)(DA)(DG)(DG)(DC)(5CM)(DG)(DC)(DC)(DT)(DG)(DC) C
3 'polydeoxyribonucleotide' (DG)(DC)(DA)(DG)(DG)(PYO)(DG)(DG)(DC)(DC)(DT)(DC) D
#
# COMPACT_ATOMS: atom_id res chain seq x y z
N ARG A 4 28.64 39.22 -31.98
CA ARG A 4 27.25 38.80 -31.80
C ARG A 4 27.16 37.29 -31.61
N ILE A 5 26.18 36.67 -32.24
CA ILE A 5 25.98 35.22 -32.19
C ILE A 5 25.74 34.76 -33.61
N SER A 6 26.79 34.28 -34.28
CA SER A 6 26.70 33.81 -35.66
C SER A 6 26.63 32.28 -35.71
N TRP A 7 26.19 31.78 -36.85
CA TRP A 7 26.02 30.35 -37.05
C TRP A 7 27.30 29.71 -37.59
N VAL A 8 27.48 28.42 -37.28
CA VAL A 8 28.60 27.64 -37.76
C VAL A 8 28.12 26.77 -38.91
N GLY A 9 28.51 27.13 -40.14
CA GLY A 9 28.14 26.36 -41.31
C GLY A 9 26.83 26.81 -41.93
N GLU A 10 26.06 25.86 -42.47
CA GLU A 10 24.78 26.15 -43.10
C GLU A 10 23.68 25.29 -42.48
N ALA A 11 22.49 25.31 -43.08
CA ALA A 11 21.34 24.62 -42.53
C ALA A 11 21.39 23.11 -42.82
N VAL A 12 20.78 22.33 -41.92
CA VAL A 12 20.75 20.89 -42.05
C VAL A 12 19.34 20.45 -42.40
N LYS A 13 18.34 21.17 -41.89
CA LYS A 13 16.94 20.85 -42.11
C LYS A 13 16.18 22.10 -42.53
N THR A 14 15.12 21.89 -43.31
CA THR A 14 14.25 22.95 -43.83
C THR A 14 12.82 22.64 -43.41
N ASP A 15 12.36 23.22 -42.29
CA ASP A 15 11.04 22.95 -41.72
C ASP A 15 10.29 24.28 -41.52
N GLY A 16 9.62 24.73 -42.57
CA GLY A 16 8.73 25.87 -42.44
C GLY A 16 9.45 27.14 -42.05
N LYS A 17 8.97 27.79 -40.99
CA LYS A 17 9.48 29.07 -40.53
C LYS A 17 10.75 28.95 -39.69
N LYS A 18 11.28 27.74 -39.51
CA LYS A 18 12.49 27.52 -38.72
C LYS A 18 13.58 26.94 -39.60
N SER A 19 14.77 27.54 -39.55
CA SER A 19 15.94 27.04 -40.27
C SER A 19 16.86 26.37 -39.26
N TYR A 20 16.98 25.05 -39.34
CA TYR A 20 17.79 24.29 -38.40
C TYR A 20 19.27 24.40 -38.73
N TYR A 21 20.11 24.23 -37.72
CA TYR A 21 21.56 24.15 -37.87
C TYR A 21 22.08 23.02 -36.99
N LYS A 22 23.38 22.74 -37.13
CA LYS A 22 24.03 21.70 -36.33
C LYS A 22 24.82 22.28 -35.16
N LYS A 23 25.65 23.30 -35.41
CA LYS A 23 26.49 23.89 -34.39
C LYS A 23 26.47 25.41 -34.52
N VAL A 24 26.67 26.10 -33.40
CA VAL A 24 26.59 27.56 -33.32
C VAL A 24 27.81 28.08 -32.56
N CYS A 25 28.02 29.39 -32.67
CA CYS A 25 29.16 30.07 -32.06
C CYS A 25 28.68 31.37 -31.43
N ILE A 26 28.82 31.49 -30.11
CA ILE A 26 28.38 32.68 -29.37
C ILE A 26 29.62 33.32 -28.75
N ASP A 27 30.25 34.21 -29.52
CA ASP A 27 31.18 35.23 -29.07
C ASP A 27 32.52 34.70 -28.55
N ALA A 28 32.61 33.43 -28.15
CA ALA A 28 33.90 32.79 -27.99
C ALA A 28 33.83 31.30 -28.28
N GLU A 29 32.65 30.72 -28.08
CA GLU A 29 32.51 29.30 -27.82
C GLU A 29 31.71 28.64 -28.93
N THR A 30 32.30 27.63 -29.56
CA THR A 30 31.54 26.75 -30.43
C THR A 30 30.60 25.89 -29.60
N LEU A 31 29.35 25.77 -30.04
CA LEU A 31 28.33 25.03 -29.31
C LEU A 31 27.74 23.97 -30.22
N GLU A 32 27.66 22.74 -29.72
CA GLU A 32 27.14 21.60 -30.46
C GLU A 32 25.92 21.02 -29.76
N VAL A 33 25.19 20.17 -30.48
CA VAL A 33 24.12 19.39 -29.86
C VAL A 33 24.75 18.27 -29.06
N GLY A 34 24.18 17.98 -27.89
CA GLY A 34 24.80 17.14 -26.91
C GLY A 34 25.59 17.90 -25.87
N ASP A 35 26.07 19.09 -26.20
CA ASP A 35 26.74 19.95 -25.23
C ASP A 35 25.76 20.33 -24.12
N CYS A 36 26.32 20.62 -22.94
CA CYS A 36 25.53 21.08 -21.81
C CYS A 36 25.84 22.54 -21.52
N VAL A 37 24.80 23.29 -21.15
CA VAL A 37 24.91 24.74 -20.97
C VAL A 37 24.25 25.11 -19.65
N SER A 38 24.45 26.37 -19.25
CA SER A 38 23.81 26.95 -18.09
C SER A 38 22.97 28.15 -18.51
N VAL A 39 21.87 28.37 -17.79
CA VAL A 39 20.90 29.42 -18.09
C VAL A 39 20.58 30.17 -16.81
N ILE A 40 20.75 31.48 -16.82
CA ILE A 40 20.41 32.29 -15.64
C ILE A 40 18.89 32.41 -15.55
N PRO A 41 18.31 32.31 -14.35
CA PRO A 41 16.85 32.35 -14.24
C PRO A 41 16.33 33.78 -14.25
N ASP A 42 15.01 33.90 -14.45
CA ASP A 42 14.39 35.22 -14.33
C ASP A 42 14.52 35.73 -12.91
N ASP A 43 14.26 34.88 -11.92
CA ASP A 43 14.51 35.20 -10.53
C ASP A 43 16.01 35.20 -10.29
N SER A 44 16.61 36.38 -10.20
CA SER A 44 18.05 36.49 -10.07
C SER A 44 18.56 35.89 -8.77
N SER A 45 17.68 35.68 -7.78
CA SER A 45 18.10 35.06 -6.53
C SER A 45 18.25 33.54 -6.67
N LYS A 46 17.45 32.93 -7.53
CA LYS A 46 17.52 31.48 -7.70
C LYS A 46 18.85 31.07 -8.34
N PRO A 47 19.36 29.91 -7.99
CA PRO A 47 20.63 29.45 -8.58
C PRO A 47 20.48 29.17 -10.07
N LEU A 48 21.63 28.91 -10.70
CA LEU A 48 21.69 28.73 -12.15
C LEU A 48 20.90 27.49 -12.58
N TYR A 49 20.36 27.56 -13.79
CA TYR A 49 19.72 26.43 -14.43
C TYR A 49 20.71 25.72 -15.36
N LEU A 50 20.53 24.41 -15.52
CA LEU A 50 21.43 23.59 -16.31
C LEU A 50 20.63 22.71 -17.25
N ALA A 51 21.12 22.53 -18.48
CA ALA A 51 20.40 21.77 -19.47
C ALA A 51 21.35 21.24 -20.53
N ARG A 52 20.87 20.27 -21.30
CA ARG A 52 21.58 19.74 -22.46
C ARG A 52 20.98 20.28 -23.75
N VAL A 53 21.83 20.66 -24.69
CA VAL A 53 21.37 21.21 -25.96
C VAL A 53 21.03 20.06 -26.91
N THR A 54 19.83 20.08 -27.48
CA THR A 54 19.38 19.04 -28.39
C THR A 54 18.98 19.53 -29.77
N ALA A 55 18.89 20.85 -29.98
CA ALA A 55 18.53 21.39 -31.28
C ALA A 55 18.97 22.84 -31.35
N LEU A 56 19.29 23.29 -32.57
CA LEU A 56 19.71 24.67 -32.82
C LEU A 56 19.05 25.12 -34.11
N TRP A 57 18.31 26.23 -34.06
CA TRP A 57 17.59 26.68 -35.24
C TRP A 57 17.36 28.19 -35.19
N GLU A 58 16.79 28.69 -36.28
CA GLU A 58 16.54 30.12 -36.46
C GLU A 58 15.12 30.31 -36.96
N ASP A 59 14.33 31.10 -36.24
CA ASP A 59 12.95 31.37 -36.60
C ASP A 59 12.86 32.56 -37.54
N SER A 60 11.79 32.58 -38.34
CA SER A 60 11.61 33.67 -39.33
C SER A 60 11.17 34.97 -38.67
N SER A 61 10.52 34.90 -37.51
CA SER A 61 10.08 36.10 -36.80
C SER A 61 10.96 36.43 -35.60
N ASN A 62 11.38 35.42 -34.83
CA ASN A 62 12.21 35.59 -33.64
C ASN A 62 13.64 35.13 -33.93
N GLY A 63 14.52 35.39 -32.97
CA GLY A 63 15.93 35.17 -33.17
C GLY A 63 16.38 33.72 -33.20
N GLN A 64 17.64 33.49 -32.87
CA GLN A 64 18.19 32.14 -32.85
C GLN A 64 17.65 31.38 -31.64
N MET A 65 17.20 30.14 -31.87
CA MET A 65 16.59 29.33 -30.83
C MET A 65 17.39 28.06 -30.60
N PHE A 66 17.12 27.43 -29.46
CA PHE A 66 17.68 26.11 -29.16
C PHE A 66 16.73 25.37 -28.23
N HIS A 67 16.89 24.05 -28.18
CA HIS A 67 16.05 23.19 -27.35
C HIS A 67 16.84 22.75 -26.12
N ALA A 68 16.24 22.92 -24.95
CA ALA A 68 16.93 22.75 -23.67
C ALA A 68 16.27 21.62 -22.87
N HIS A 69 16.97 20.51 -22.72
CA HIS A 69 16.53 19.41 -21.86
C HIS A 69 17.07 19.67 -20.45
N TRP A 70 16.18 20.05 -19.54
CA TRP A 70 16.60 20.50 -18.22
C TRP A 70 17.13 19.37 -17.35
N PHE A 71 18.15 19.67 -16.55
CA PHE A 71 18.56 18.82 -15.44
C PHE A 71 17.83 19.25 -14.18
N CYS A 72 17.73 18.32 -13.23
CA CYS A 72 17.13 18.59 -11.93
C CYS A 72 18.23 18.57 -10.88
N ALA A 73 18.36 19.66 -10.13
CA ALA A 73 19.27 19.69 -9.00
C ALA A 73 18.75 18.80 -7.88
N GLY A 74 19.66 18.12 -7.20
CA GLY A 74 19.25 17.19 -6.15
C GLY A 74 18.42 17.85 -5.06
N THR A 75 18.74 19.09 -4.73
CA THR A 75 18.03 19.80 -3.66
C THR A 75 16.56 20.03 -4.00
N ASP A 76 16.18 19.92 -5.26
CA ASP A 76 14.79 20.06 -5.66
C ASP A 76 14.10 18.71 -5.85
N THR A 77 14.76 17.62 -5.46
CA THR A 77 14.12 16.32 -5.36
C THR A 77 13.70 16.10 -3.90
N VAL A 78 13.15 14.92 -3.62
CA VAL A 78 12.75 14.58 -2.25
C VAL A 78 13.95 14.58 -1.31
N LEU A 79 15.17 14.40 -1.84
CA LEU A 79 16.35 14.41 -0.99
C LEU A 79 16.53 15.74 -0.28
N GLY A 80 16.24 16.84 -0.96
CA GLY A 80 16.38 18.16 -0.33
C GLY A 80 17.82 18.47 -0.01
N ALA A 81 18.04 18.94 1.22
CA ALA A 81 19.37 19.40 1.64
C ALA A 81 20.35 18.26 1.93
N THR A 82 19.93 16.98 1.84
CA THR A 82 20.86 15.88 2.01
C THR A 82 21.49 15.43 0.69
N SER A 83 21.19 16.10 -0.41
CA SER A 83 21.71 15.73 -1.72
C SER A 83 23.17 16.15 -1.87
N ASP A 84 23.86 15.46 -2.78
CA ASP A 84 25.19 15.88 -3.19
C ASP A 84 25.08 17.19 -3.98
N PRO A 85 25.86 18.22 -3.63
CA PRO A 85 25.77 19.48 -4.40
C PRO A 85 26.08 19.33 -5.88
N LEU A 86 26.88 18.34 -6.27
CA LEU A 86 27.27 18.18 -7.66
C LEU A 86 26.43 17.16 -8.41
N GLU A 87 25.50 16.50 -7.75
CA GLU A 87 24.65 15.50 -8.39
C GLU A 87 23.42 16.16 -9.00
N LEU A 88 23.17 15.85 -10.28
CA LEU A 88 21.96 16.25 -10.97
C LEU A 88 21.19 15.00 -11.37
N PHE A 89 19.94 15.18 -11.77
CA PHE A 89 19.10 14.06 -12.16
C PHE A 89 18.39 14.40 -13.46
N LEU A 90 18.35 13.44 -14.38
CA LEU A 90 17.57 13.60 -15.60
C LEU A 90 16.09 13.67 -15.26
N VAL A 91 15.35 14.50 -16.02
CA VAL A 91 13.91 14.62 -15.89
C VAL A 91 13.32 14.75 -17.29
N ASP A 92 12.01 14.53 -17.38
CA ASP A 92 11.28 14.71 -18.64
C ASP A 92 10.69 16.11 -18.72
N GLU A 93 11.57 17.10 -18.59
CA GLU A 93 11.22 18.51 -18.75
C GLU A 93 12.16 19.15 -19.75
N CYS A 94 11.59 19.96 -20.64
CA CYS A 94 12.37 20.61 -21.68
C CYS A 94 11.55 21.74 -22.29
N GLU A 95 12.22 22.57 -23.09
CA GLU A 95 11.57 23.72 -23.71
C GLU A 95 12.52 24.36 -24.71
N ASP A 96 11.94 25.03 -25.71
CA ASP A 96 12.71 25.76 -26.71
C ASP A 96 12.93 27.19 -26.23
N MET A 97 14.18 27.66 -26.29
CA MET A 97 14.52 28.98 -25.78
C MET A 97 15.44 29.70 -26.74
N GLN A 98 15.54 31.02 -26.55
CA GLN A 98 16.47 31.83 -27.32
C GLN A 98 17.90 31.56 -26.87
N LEU A 99 18.83 31.56 -27.82
CA LEU A 99 20.24 31.41 -27.49
C LEU A 99 20.75 32.56 -26.63
N SER A 100 20.04 33.70 -26.64
CA SER A 100 20.38 34.82 -25.77
C SER A 100 20.29 34.47 -24.29
N TYR A 101 19.59 33.39 -23.93
CA TYR A 101 19.45 33.01 -22.53
C TYR A 101 20.62 32.20 -22.00
N ILE A 102 21.44 31.63 -22.88
CA ILE A 102 22.54 30.77 -22.43
C ILE A 102 23.59 31.60 -21.74
N HIS A 103 23.93 31.22 -20.51
CA HIS A 103 24.95 31.96 -19.76
C HIS A 103 26.35 31.43 -20.03
N SER A 104 26.53 30.11 -20.00
CA SER A 104 27.83 29.51 -20.26
C SER A 104 27.65 28.03 -20.56
N LYS A 105 28.71 27.43 -21.11
CA LYS A 105 28.77 25.99 -21.30
C LYS A 105 29.37 25.34 -20.05
N VAL A 106 28.74 24.28 -19.59
CA VAL A 106 29.18 23.56 -18.39
C VAL A 106 29.38 22.10 -18.74
N LYS A 107 30.37 21.48 -18.11
CA LYS A 107 30.64 20.07 -18.28
C LYS A 107 29.90 19.27 -17.20
N VAL A 108 29.13 18.27 -17.63
CA VAL A 108 28.53 17.30 -16.73
C VAL A 108 28.93 15.91 -17.20
N ILE A 109 29.20 15.03 -16.25
CA ILE A 109 29.60 13.65 -16.56
C ILE A 109 28.48 12.72 -16.16
N TYR A 110 28.40 11.58 -16.83
CA TYR A 110 27.45 10.53 -16.47
C TYR A 110 28.21 9.47 -15.68
N LYS A 111 27.86 9.31 -14.41
CA LYS A 111 28.48 8.31 -13.54
C LYS A 111 27.74 6.99 -13.71
N ALA A 112 28.12 6.26 -14.75
CA ALA A 112 27.53 4.96 -14.99
C ALA A 112 28.02 3.95 -13.94
N PRO A 113 27.15 3.08 -13.43
CA PRO A 113 27.60 2.04 -12.51
C PRO A 113 28.62 1.13 -13.16
N SER A 114 29.61 0.73 -12.38
CA SER A 114 30.69 -0.12 -12.90
C SER A 114 30.16 -1.50 -13.28
N GLU A 115 30.87 -2.16 -14.20
CA GLU A 115 30.55 -3.53 -14.55
C GLU A 115 30.78 -4.48 -13.38
N ASN A 116 31.51 -4.03 -12.35
CA ASN A 116 31.73 -4.77 -11.13
C ASN A 116 31.08 -4.07 -9.94
N TRP A 117 29.87 -3.55 -10.16
CA TRP A 117 29.19 -2.74 -9.14
C TRP A 117 28.71 -3.58 -7.96
N ALA A 118 28.30 -4.83 -8.21
CA ALA A 118 27.76 -5.67 -7.15
C ALA A 118 28.81 -6.10 -6.13
N MET A 119 30.09 -5.78 -6.35
CA MET A 119 31.15 -6.14 -5.42
C MET A 119 31.81 -4.92 -4.78
N GLU A 120 31.39 -3.71 -5.14
CA GLU A 120 31.98 -2.49 -4.62
C GLU A 120 31.51 -2.14 -3.21
N GLY A 121 30.62 -2.95 -2.61
CA GLY A 121 30.10 -2.63 -1.31
C GLY A 121 31.07 -2.91 -0.18
N GLY A 122 30.85 -2.23 0.94
CA GLY A 122 31.57 -2.46 2.17
C GLY A 122 32.87 -1.70 2.33
N MET A 123 33.37 -1.06 1.28
CA MET A 123 34.71 -0.47 1.29
C MET A 123 34.74 0.93 1.90
N ASP A 124 33.73 1.31 2.67
CA ASP A 124 33.69 2.63 3.29
C ASP A 124 32.84 2.61 4.56
N LYS A 135 34.87 17.72 -8.38
CA LYS A 135 34.67 19.14 -8.63
C LYS A 135 33.98 19.38 -9.98
N THR A 136 33.18 18.41 -10.41
CA THR A 136 32.48 18.47 -11.70
C THR A 136 31.07 17.94 -11.52
N TYR A 137 30.10 18.59 -12.17
CA TYR A 137 28.73 18.10 -12.14
C TYR A 137 28.65 16.69 -12.70
N PHE A 138 27.76 15.88 -12.13
CA PHE A 138 27.59 14.50 -12.56
C PHE A 138 26.15 14.09 -12.32
N TYR A 139 25.68 13.16 -13.15
CA TYR A 139 24.38 12.55 -12.97
C TYR A 139 24.50 11.04 -13.16
N GLN A 140 23.65 10.30 -12.45
CA GLN A 140 23.57 8.86 -12.61
C GLN A 140 22.16 8.35 -12.74
N LEU A 141 21.15 9.09 -12.29
CA LEU A 141 19.79 8.60 -12.20
C LEU A 141 18.83 9.60 -12.81
N TRP A 142 17.69 9.08 -13.29
CA TRP A 142 16.58 9.87 -13.80
C TRP A 142 15.51 9.94 -12.71
N TYR A 143 14.91 11.11 -12.56
CA TYR A 143 14.01 11.39 -11.44
C TYR A 143 12.60 11.70 -11.93
N ASP A 144 11.60 11.21 -11.19
CA ASP A 144 10.20 11.50 -11.43
C ASP A 144 9.69 12.33 -10.26
N GLN A 145 9.33 13.58 -10.54
CA GLN A 145 9.00 14.55 -9.49
C GLN A 145 7.67 14.21 -8.80
N ASP A 146 6.76 13.52 -9.48
CA ASP A 146 5.45 13.26 -8.92
C ASP A 146 5.45 12.07 -7.97
N TYR A 147 6.26 11.04 -8.26
CA TYR A 147 6.23 9.79 -7.53
C TYR A 147 7.50 9.56 -6.70
N ALA A 148 8.43 10.51 -6.69
CA ALA A 148 9.69 10.36 -5.97
C ALA A 148 10.39 9.06 -6.35
N ARG A 149 10.59 8.87 -7.65
CA ARG A 149 11.23 7.68 -8.20
C ARG A 149 12.56 8.08 -8.82
N PHE A 150 13.63 7.42 -8.37
CA PHE A 150 14.94 7.50 -9.00
C PHE A 150 15.13 6.22 -9.81
N GLU A 151 15.42 6.37 -11.11
CA GLU A 151 15.52 5.21 -11.98
C GLU A 151 16.70 5.34 -12.93
N SER A 152 17.11 4.18 -13.48
CA SER A 152 18.16 4.15 -14.48
C SER A 152 17.73 4.96 -15.71
N PRO A 153 18.68 5.58 -16.41
CA PRO A 153 18.35 6.44 -17.55
C PRO A 153 17.71 5.63 -18.68
N PRO A 154 16.63 6.13 -19.26
CA PRO A 154 15.97 5.40 -20.35
C PRO A 154 16.91 5.17 -21.54
N LYS A 155 16.55 4.21 -22.36
CA LYS A 155 17.34 3.79 -23.52
C LYS A 155 16.65 4.12 -24.84
N THR A 156 15.92 5.24 -24.87
CA THR A 156 15.19 5.65 -26.07
C THR A 156 16.20 6.13 -27.11
N GLN A 157 16.49 5.28 -28.10
CA GLN A 157 17.44 5.61 -29.14
C GLN A 157 16.79 6.47 -30.21
N PRO A 158 17.57 7.02 -31.15
CA PRO A 158 17.10 7.87 -32.23
C PRO A 158 16.74 7.07 -33.49
N ASN A 162 13.36 11.90 -35.96
CA ASN A 162 13.88 11.69 -34.61
C ASN A 162 15.29 11.10 -34.67
N LYS A 163 16.01 11.40 -35.75
CA LYS A 163 17.36 10.88 -35.95
C LYS A 163 18.44 11.87 -35.52
N PHE A 164 18.29 13.15 -35.83
CA PHE A 164 19.31 14.15 -35.52
C PHE A 164 18.92 15.03 -34.35
N LYS A 165 17.78 15.71 -34.46
CA LYS A 165 17.29 16.57 -33.37
C LYS A 165 16.47 15.76 -32.37
N PHE A 166 17.06 14.67 -31.88
CA PHE A 166 16.35 13.68 -31.07
C PHE A 166 16.47 14.05 -29.60
N CYS A 167 15.48 14.79 -29.09
CA CYS A 167 15.37 15.03 -27.67
C CYS A 167 14.85 13.78 -26.98
N VAL A 168 15.52 13.38 -25.89
CA VAL A 168 15.07 12.20 -25.15
C VAL A 168 13.74 12.49 -24.45
N SER A 169 13.60 13.69 -23.88
CA SER A 169 12.39 14.03 -23.14
C SER A 169 11.20 14.16 -24.07
N CYS A 170 11.39 14.74 -25.27
CA CYS A 170 10.30 14.83 -26.23
C CYS A 170 9.84 13.44 -26.66
N ALA A 171 10.79 12.52 -26.89
CA ALA A 171 10.47 11.22 -27.45
C ALA A 171 9.50 10.45 -26.57
N ARG A 172 9.75 10.43 -25.25
CA ARG A 172 8.91 9.65 -24.34
C ARG A 172 7.68 10.40 -23.87
N LEU A 173 7.73 11.73 -23.82
CA LEU A 173 6.53 12.49 -23.50
C LEU A 173 5.49 12.37 -24.61
N ALA A 174 5.95 12.25 -25.86
CA ALA A 174 5.01 11.99 -26.96
C ALA A 174 4.56 10.54 -26.94
N GLU A 175 5.50 9.61 -26.72
CA GLU A 175 5.13 8.20 -26.57
C GLU A 175 4.15 7.99 -25.42
N MET A 176 4.30 8.78 -24.34
CA MET A 176 3.32 8.73 -23.26
C MET A 176 1.98 9.30 -23.69
N ARG A 177 1.98 10.29 -24.60
CA ARG A 177 0.73 10.87 -25.06
C ARG A 177 -0.06 9.87 -25.91
N GLN A 178 0.62 9.19 -26.83
CA GLN A 178 -0.06 8.19 -27.65
C GLN A 178 -0.55 7.02 -26.82
N LYS A 179 0.20 6.66 -25.76
CA LYS A 179 -0.23 5.56 -24.90
C LYS A 179 -1.51 5.89 -24.15
N GLU A 180 -1.71 7.17 -23.80
CA GLU A 180 -2.87 7.57 -23.01
C GLU A 180 -4.09 7.92 -23.84
N ILE A 181 -3.95 8.10 -25.15
CA ILE A 181 -5.08 8.51 -25.98
C ILE A 181 -5.88 7.28 -26.40
N PRO A 182 -7.20 7.26 -26.17
CA PRO A 182 -8.04 6.13 -26.60
C PRO A 182 -8.14 6.10 -28.13
N ARG A 183 -7.74 4.98 -28.71
CA ARG A 183 -7.76 4.82 -30.16
C ARG A 183 -8.42 3.49 -30.52
N VAL A 184 -9.14 3.50 -31.64
CA VAL A 184 -9.70 2.29 -32.24
C VAL A 184 -8.69 1.74 -33.22
N LEU A 185 -8.64 0.42 -33.36
CA LEU A 185 -7.63 -0.21 -34.20
C LEU A 185 -8.19 -0.85 -35.46
N GLU A 186 -9.11 -1.81 -35.33
CA GLU A 186 -9.54 -2.61 -36.47
C GLU A 186 -11.05 -2.45 -36.67
N GLN A 187 -11.43 -1.86 -37.81
CA GLN A 187 -12.84 -1.78 -38.15
C GLN A 187 -13.44 -3.18 -38.30
N LEU A 188 -14.74 -3.27 -38.07
CA LEU A 188 -15.44 -4.54 -38.19
C LEU A 188 -16.62 -4.47 -39.14
N GLU A 189 -17.38 -3.38 -39.13
CA GLU A 189 -18.52 -3.22 -40.03
C GLU A 189 -19.00 -1.77 -39.97
N ASP A 190 -19.41 -1.26 -41.13
CA ASP A 190 -19.97 0.09 -41.25
C ASP A 190 -21.49 -0.03 -41.26
N LEU A 191 -22.13 0.44 -40.19
CA LEU A 191 -23.58 0.36 -40.08
C LEU A 191 -24.21 1.72 -40.43
N ASP A 192 -25.52 1.83 -40.21
CA ASP A 192 -26.24 3.04 -40.61
C ASP A 192 -25.78 4.26 -39.82
N SER A 193 -25.74 4.16 -38.49
CA SER A 193 -25.40 5.30 -37.65
C SER A 193 -24.01 5.21 -37.01
N ARG A 194 -23.45 4.01 -36.88
CA ARG A 194 -22.17 3.82 -36.20
C ARG A 194 -21.24 2.98 -37.06
N VAL A 195 -19.96 3.05 -36.73
CA VAL A 195 -18.93 2.20 -37.33
C VAL A 195 -18.43 1.25 -36.25
N LEU A 196 -18.66 -0.05 -36.45
CA LEU A 196 -18.25 -1.04 -35.46
C LEU A 196 -16.76 -1.34 -35.58
N TYR A 197 -16.11 -1.55 -34.44
CA TYR A 197 -14.71 -1.92 -34.40
C TYR A 197 -14.53 -3.25 -33.68
N TYR A 198 -13.45 -3.95 -34.03
CA TYR A 198 -13.11 -5.19 -33.36
C TYR A 198 -12.27 -4.97 -32.12
N SER A 199 -11.43 -3.93 -32.11
CA SER A 199 -10.51 -3.73 -31.01
C SER A 199 -10.21 -2.25 -30.83
N ALA A 200 -9.78 -1.90 -29.61
CA ALA A 200 -9.35 -0.55 -29.29
C ALA A 200 -8.29 -0.64 -28.21
N THR A 201 -7.54 0.45 -28.03
CA THR A 201 -6.44 0.46 -27.09
C THR A 201 -6.49 1.71 -26.23
N LYS A 202 -5.98 1.58 -25.00
CA LYS A 202 -6.10 2.64 -24.01
C LYS A 202 -5.13 2.36 -22.87
N ASN A 203 -4.29 3.36 -22.54
CA ASN A 203 -3.30 3.25 -21.48
C ASN A 203 -2.47 1.97 -21.62
N GLY A 204 -2.08 1.67 -22.86
CA GLY A 204 -1.29 0.49 -23.14
C GLY A 204 -2.06 -0.82 -23.12
N ILE A 205 -3.35 -0.80 -22.80
CA ILE A 205 -4.17 -2.01 -22.73
C ILE A 205 -4.93 -2.16 -24.03
N LEU A 206 -4.98 -3.38 -24.54
CA LEU A 206 -5.75 -3.69 -25.74
C LEU A 206 -7.09 -4.27 -25.35
N TYR A 207 -8.16 -3.72 -25.90
CA TYR A 207 -9.51 -4.21 -25.69
C TYR A 207 -10.06 -4.72 -27.00
N ARG A 208 -10.64 -5.92 -26.99
CA ARG A 208 -11.29 -6.49 -28.16
C ARG A 208 -12.69 -6.94 -27.77
N VAL A 209 -13.54 -7.12 -28.79
CA VAL A 209 -14.89 -7.58 -28.56
C VAL A 209 -14.87 -8.88 -27.78
N GLY A 210 -15.68 -8.96 -26.74
CA GLY A 210 -15.73 -10.12 -25.87
C GLY A 210 -14.93 -9.99 -24.59
N ASP A 211 -14.01 -9.05 -24.52
CA ASP A 211 -13.22 -8.87 -23.31
C ASP A 211 -14.10 -8.36 -22.17
N GLY A 212 -13.60 -8.51 -20.96
CA GLY A 212 -14.24 -7.91 -19.80
C GLY A 212 -13.65 -6.56 -19.49
N VAL A 213 -14.48 -5.66 -18.98
CA VAL A 213 -14.04 -4.30 -18.65
C VAL A 213 -14.43 -3.97 -17.22
N TYR A 214 -13.56 -3.24 -16.53
CA TYR A 214 -13.90 -2.57 -15.30
C TYR A 214 -14.54 -1.22 -15.61
N LEU A 215 -15.64 -0.91 -14.93
CA LEU A 215 -16.30 0.37 -15.09
C LEU A 215 -16.54 0.98 -13.72
N PRO A 216 -16.59 2.32 -13.64
CA PRO A 216 -16.90 2.95 -12.36
C PRO A 216 -18.27 2.52 -11.87
N PRO A 217 -18.50 2.55 -10.56
CA PRO A 217 -19.82 2.15 -10.05
C PRO A 217 -20.97 3.01 -10.57
N GLU A 218 -20.72 4.23 -11.01
CA GLU A 218 -21.77 5.09 -11.58
C GLU A 218 -21.85 4.97 -13.10
N ALA A 219 -21.23 3.95 -13.69
CA ALA A 219 -21.32 3.77 -15.14
C ALA A 219 -22.71 3.35 -15.55
N PHE A 220 -23.22 2.26 -14.98
CA PHE A 220 -24.58 1.82 -15.25
C PHE A 220 -25.20 1.31 -13.95
N THR A 221 -26.52 1.19 -13.97
CA THR A 221 -27.30 0.60 -12.89
C THR A 221 -27.87 -0.74 -13.34
N PHE A 222 -28.39 -1.49 -12.38
CA PHE A 222 -29.01 -2.77 -12.69
C PHE A 222 -30.53 -2.63 -12.66
N ASN A 223 -31.21 -3.70 -13.07
CA ASN A 223 -32.67 -3.72 -13.06
C ASN A 223 -33.24 -4.25 -11.75
N ILE A 224 -32.77 -3.71 -10.63
CA ILE A 224 -33.33 -4.03 -9.32
C ILE A 224 -33.42 -2.76 -8.47
N PRO A 237 -31.34 8.87 22.75
CA PRO A 237 -32.49 8.78 23.64
C PRO A 237 -32.24 7.81 24.79
N VAL A 238 -31.27 8.14 25.65
CA VAL A 238 -30.72 7.22 26.63
C VAL A 238 -30.99 7.74 28.03
N ASP A 239 -31.34 6.84 28.94
CA ASP A 239 -31.49 7.17 30.36
C ASP A 239 -30.09 7.40 30.92
N GLU A 240 -29.72 8.67 31.06
CA GLU A 240 -28.38 9.08 31.48
C GLU A 240 -28.06 8.75 32.94
N ASP A 241 -29.00 8.14 33.67
CA ASP A 241 -28.73 7.81 35.07
C ASP A 241 -27.81 6.60 35.19
N LEU A 242 -28.06 5.56 34.40
CA LEU A 242 -27.34 4.30 34.48
C LEU A 242 -26.17 4.20 33.51
N TYR A 243 -26.25 4.90 32.38
CA TYR A 243 -25.14 5.01 31.44
C TYR A 243 -24.65 6.44 31.39
N PRO A 244 -23.91 6.89 32.41
CA PRO A 244 -23.59 8.33 32.49
C PRO A 244 -22.64 8.80 31.41
N GLU A 245 -21.64 7.99 31.05
CA GLU A 245 -20.65 8.37 30.05
C GLU A 245 -21.15 8.23 28.64
N HIS A 246 -22.44 7.95 28.44
CA HIS A 246 -22.97 7.84 27.08
C HIS A 246 -22.93 9.17 26.35
N TYR A 247 -22.89 10.30 27.08
CA TYR A 247 -22.89 11.60 26.43
C TYR A 247 -21.63 11.82 25.62
N ARG A 248 -20.54 11.14 25.96
CA ARG A 248 -19.29 11.31 25.22
C ARG A 248 -19.31 10.68 23.86
N LYS A 249 -20.42 10.15 23.37
CA LYS A 249 -20.50 9.63 22.02
C LYS A 249 -21.20 10.59 21.05
N TYR A 250 -21.20 11.89 21.36
CA TYR A 250 -21.86 12.87 20.50
C TYR A 250 -21.28 12.91 19.09
N SER A 251 -20.05 12.42 18.90
CA SER A 251 -19.42 12.47 17.59
C SER A 251 -20.14 11.60 16.56
N ASP A 252 -20.82 10.55 17.02
CA ASP A 252 -21.54 9.62 16.16
C ASP A 252 -20.62 8.98 15.11
N TYR A 253 -19.32 8.90 15.38
CA TYR A 253 -18.37 8.26 14.49
C TYR A 253 -18.08 6.85 15.00
N ILE A 254 -18.08 5.88 14.10
CA ILE A 254 -17.88 4.48 14.45
C ILE A 254 -16.58 4.03 13.80
N LYS A 255 -15.53 3.89 14.62
CA LYS A 255 -14.29 3.28 14.15
C LYS A 255 -14.56 1.88 13.64
N GLY A 256 -13.94 1.54 12.51
CA GLY A 256 -14.09 0.22 11.91
C GLY A 256 -15.28 0.07 10.98
N SER A 257 -16.15 1.08 10.89
CA SER A 257 -17.39 0.93 10.12
C SER A 257 -17.14 0.91 8.61
N ASN A 258 -17.96 0.15 7.90
CA ASN A 258 -17.90 0.04 6.45
C ASN A 258 -19.12 0.65 5.76
N LEU A 259 -19.72 1.67 6.37
CA LEU A 259 -20.88 2.32 5.77
C LEU A 259 -20.49 3.22 4.59
N ASP A 260 -19.29 3.78 4.60
CA ASP A 260 -18.86 4.74 3.59
C ASP A 260 -17.82 4.17 2.63
N ALA A 261 -17.57 2.86 2.67
CA ALA A 261 -16.71 2.26 1.66
C ALA A 261 -17.39 2.32 0.30
N PRO A 262 -16.66 2.61 -0.76
CA PRO A 262 -17.27 2.71 -2.09
C PRO A 262 -17.60 1.32 -2.63
N GLU A 263 -18.40 1.31 -3.68
CA GLU A 263 -18.73 0.08 -4.37
C GLU A 263 -17.58 -0.38 -5.23
N PRO A 264 -17.40 -1.69 -5.41
CA PRO A 264 -16.39 -2.17 -6.35
C PRO A 264 -16.81 -1.87 -7.78
N TYR A 265 -15.90 -2.11 -8.71
CA TYR A 265 -16.13 -1.77 -10.11
C TYR A 265 -17.40 -2.44 -10.63
N ARG A 266 -18.05 -1.78 -11.60
CA ARG A 266 -18.94 -2.52 -12.48
C ARG A 266 -18.10 -3.39 -13.39
N ILE A 267 -18.64 -4.56 -13.76
CA ILE A 267 -17.98 -5.47 -14.68
C ILE A 267 -18.91 -5.74 -15.85
N GLY A 268 -18.38 -5.66 -17.06
CA GLY A 268 -19.16 -5.93 -18.25
C GLY A 268 -18.33 -6.60 -19.32
N ARG A 269 -19.01 -7.25 -20.25
CA ARG A 269 -18.38 -7.94 -21.38
C ARG A 269 -18.64 -7.11 -22.63
N ILE A 270 -17.56 -6.74 -23.34
CA ILE A 270 -17.69 -5.90 -24.52
C ILE A 270 -18.50 -6.64 -25.58
N LYS A 271 -19.62 -6.04 -25.99
CA LYS A 271 -20.41 -6.53 -27.12
C LYS A 271 -20.11 -5.78 -28.41
N GLU A 272 -19.91 -4.47 -28.32
CA GLU A 272 -19.58 -3.65 -29.48
C GLU A 272 -18.61 -2.56 -29.06
N ILE A 273 -17.65 -2.28 -29.95
CA ILE A 273 -16.85 -1.06 -29.92
C ILE A 273 -17.22 -0.27 -31.15
N PHE A 274 -17.59 1.00 -30.97
CA PHE A 274 -18.10 1.75 -32.12
C PHE A 274 -17.89 3.25 -31.94
N CYS A 275 -17.91 3.95 -33.07
CA CYS A 275 -17.78 5.39 -33.15
C CYS A 275 -18.97 5.99 -33.89
N PRO A 276 -19.48 7.13 -33.44
CA PRO A 276 -20.46 7.86 -34.23
C PRO A 276 -19.92 8.18 -35.62
N LYS A 277 -20.67 7.80 -36.64
CA LYS A 277 -20.37 8.24 -38.00
C LYS A 277 -20.91 9.66 -38.16
N LYS A 278 -20.07 10.54 -38.68
CA LYS A 278 -20.44 11.96 -38.77
C LYS A 278 -21.60 12.13 -39.74
N SER A 279 -22.08 13.38 -39.81
CA SER A 279 -23.12 13.71 -40.78
C SER A 279 -22.65 13.45 -42.20
N ASN A 280 -21.38 13.71 -42.48
CA ASN A 280 -20.82 13.24 -43.75
C ASN A 280 -20.85 11.72 -43.79
N GLY A 281 -20.30 11.06 -42.78
CA GLY A 281 -20.40 9.61 -42.69
C GLY A 281 -19.15 8.91 -42.19
N ARG A 282 -17.99 9.55 -42.27
CA ARG A 282 -16.78 8.96 -41.73
C ARG A 282 -16.84 8.92 -40.20
N PRO A 283 -16.18 7.95 -39.58
CA PRO A 283 -16.30 7.82 -38.11
C PRO A 283 -15.58 8.94 -37.38
N ASN A 284 -16.19 9.39 -36.29
CA ASN A 284 -15.53 10.28 -35.33
C ASN A 284 -14.81 9.38 -34.34
N GLU A 285 -13.54 9.11 -34.62
CA GLU A 285 -12.74 8.18 -33.83
C GLU A 285 -12.14 8.82 -32.57
N THR A 286 -12.54 10.05 -32.26
CA THR A 286 -12.20 10.69 -30.99
C THR A 286 -13.26 10.47 -29.93
N ASP A 287 -14.43 9.93 -30.30
CA ASP A 287 -15.55 9.71 -29.38
C ASP A 287 -15.94 8.23 -29.47
N ILE A 288 -15.22 7.39 -28.72
CA ILE A 288 -15.36 5.94 -28.80
C ILE A 288 -16.31 5.46 -27.71
N LYS A 289 -17.32 4.69 -28.10
CA LYS A 289 -18.27 4.08 -27.17
C LYS A 289 -18.13 2.56 -27.17
N ILE A 290 -18.64 1.94 -26.11
CA ILE A 290 -18.74 0.48 -26.04
C ILE A 290 -20.12 0.12 -25.52
N ARG A 291 -20.64 -1.01 -26.01
CA ARG A 291 -21.84 -1.63 -25.49
C ARG A 291 -21.44 -2.92 -24.77
N VAL A 292 -21.88 -3.06 -23.51
CA VAL A 292 -21.49 -4.20 -22.69
C VAL A 292 -22.74 -4.93 -22.21
N ASN A 293 -22.57 -6.24 -21.95
CA ASN A 293 -23.52 -6.96 -21.12
C ASN A 293 -23.15 -6.76 -19.66
N LYS A 294 -24.16 -6.50 -18.83
CA LYS A 294 -23.91 -6.30 -17.40
C LYS A 294 -23.70 -7.65 -16.73
N PHE A 295 -22.69 -7.71 -15.87
CA PHE A 295 -22.53 -8.84 -14.98
C PHE A 295 -23.02 -8.45 -13.59
N TYR A 296 -23.75 -9.37 -12.96
CA TYR A 296 -24.16 -9.18 -11.58
C TYR A 296 -23.13 -9.81 -10.65
N ARG A 297 -22.68 -9.02 -9.67
CA ARG A 297 -22.11 -9.61 -8.47
C ARG A 297 -23.26 -10.21 -7.65
N PRO A 298 -22.97 -11.17 -6.77
CA PRO A 298 -24.05 -11.71 -5.93
C PRO A 298 -24.79 -10.63 -5.15
N GLU A 299 -24.08 -9.67 -4.57
CA GLU A 299 -24.72 -8.63 -3.77
C GLU A 299 -25.53 -7.64 -4.62
N ASN A 300 -25.56 -7.79 -5.94
CA ASN A 300 -26.36 -6.91 -6.80
C ASN A 300 -27.71 -7.52 -7.17
N THR A 301 -27.91 -8.82 -6.93
CA THR A 301 -29.18 -9.47 -7.22
C THR A 301 -30.20 -9.10 -6.15
N HIS A 302 -31.39 -9.70 -6.23
CA HIS A 302 -32.39 -9.45 -5.19
C HIS A 302 -31.90 -9.96 -3.85
N LYS A 303 -31.16 -11.06 -3.84
CA LYS A 303 -30.43 -11.48 -2.66
C LYS A 303 -29.30 -10.48 -2.46
N SER A 304 -29.48 -9.60 -1.48
CA SER A 304 -28.62 -8.43 -1.28
C SER A 304 -27.32 -8.82 -0.62
N THR A 305 -26.65 -7.86 0.04
CA THR A 305 -25.35 -8.04 0.71
C THR A 305 -25.14 -9.44 1.33
N PRO A 306 -26.10 -10.03 2.04
CA PRO A 306 -25.88 -11.40 2.56
C PRO A 306 -25.44 -12.41 1.50
N ALA A 307 -25.81 -12.21 0.23
CA ALA A 307 -25.37 -13.11 -0.83
C ALA A 307 -23.85 -13.15 -0.97
N SER A 308 -23.18 -12.08 -0.56
CA SER A 308 -21.73 -12.03 -0.69
C SER A 308 -21.01 -12.84 0.39
N TYR A 309 -21.70 -13.22 1.47
CA TYR A 309 -21.01 -13.81 2.62
C TYR A 309 -20.23 -15.06 2.22
N HIS A 310 -20.91 -16.01 1.57
CA HIS A 310 -20.33 -17.31 1.21
C HIS A 310 -19.71 -17.34 -0.17
N ALA A 311 -20.04 -16.40 -1.05
CA ALA A 311 -19.61 -16.50 -2.44
C ALA A 311 -18.14 -16.17 -2.58
N ASP A 312 -17.50 -16.79 -3.57
CA ASP A 312 -16.16 -16.36 -3.97
C ASP A 312 -16.19 -14.87 -4.30
N ILE A 313 -15.08 -14.19 -4.04
CA ILE A 313 -15.03 -12.75 -4.33
C ILE A 313 -14.99 -12.46 -5.81
N ASN A 314 -14.73 -13.45 -6.66
CA ASN A 314 -14.65 -13.23 -8.10
C ASN A 314 -15.75 -13.99 -8.84
N LEU A 315 -16.80 -14.40 -8.14
CA LEU A 315 -17.95 -15.01 -8.79
C LEU A 315 -18.88 -13.94 -9.33
N LEU A 316 -19.38 -14.16 -10.55
CA LEU A 316 -20.34 -13.27 -11.17
C LEU A 316 -21.52 -14.08 -11.69
N TYR A 317 -22.59 -13.38 -12.03
CA TYR A 317 -23.73 -13.94 -12.73
C TYR A 317 -23.88 -13.24 -14.07
N TRP A 318 -23.98 -14.02 -15.14
CA TRP A 318 -24.28 -13.44 -16.45
C TRP A 318 -25.66 -12.79 -16.42
N SER A 319 -25.83 -11.79 -17.26
CA SER A 319 -27.14 -11.17 -17.46
C SER A 319 -27.26 -10.74 -18.91
N ASP A 320 -28.50 -10.64 -19.37
CA ASP A 320 -28.79 -10.16 -20.72
C ASP A 320 -29.07 -8.67 -20.77
N GLU A 321 -28.78 -7.94 -19.68
CA GLU A 321 -28.98 -6.49 -19.66
C GLU A 321 -27.79 -5.80 -20.29
N GLU A 322 -28.06 -4.83 -21.15
CA GLU A 322 -27.05 -4.14 -21.93
C GLU A 322 -26.92 -2.69 -21.47
N ALA A 323 -25.81 -2.07 -21.84
CA ALA A 323 -25.53 -0.69 -21.45
C ALA A 323 -24.47 -0.12 -22.38
N VAL A 324 -24.57 1.17 -22.65
CA VAL A 324 -23.60 1.90 -23.47
C VAL A 324 -22.86 2.89 -22.60
N VAL A 325 -21.53 2.88 -22.67
CA VAL A 325 -20.68 3.82 -21.94
C VAL A 325 -19.54 4.26 -22.85
N ASP A 326 -18.96 5.41 -22.52
CA ASP A 326 -17.80 5.89 -23.25
C ASP A 326 -16.59 5.01 -22.97
N PHE A 327 -15.78 4.78 -24.01
CA PHE A 327 -14.54 4.04 -23.86
C PHE A 327 -13.64 4.67 -22.80
N LYS A 328 -13.67 5.99 -22.67
CA LYS A 328 -12.81 6.66 -21.70
C LYS A 328 -13.13 6.25 -20.27
N ALA A 329 -14.36 5.82 -20.01
CA ALA A 329 -14.75 5.44 -18.65
C ALA A 329 -14.16 4.11 -18.21
N VAL A 330 -13.66 3.31 -19.15
CA VAL A 330 -13.12 2.01 -18.81
C VAL A 330 -11.93 2.19 -17.88
N GLN A 331 -11.93 1.47 -16.75
CA GLN A 331 -10.89 1.57 -15.76
C GLN A 331 -9.81 0.50 -15.90
N GLY A 332 -10.04 -0.51 -16.72
CA GLY A 332 -9.09 -1.58 -16.89
C GLY A 332 -9.77 -2.78 -17.50
N ARG A 333 -8.96 -3.80 -17.77
CA ARG A 333 -9.43 -5.01 -18.41
C ARG A 333 -9.45 -6.16 -17.41
N CYS A 334 -10.38 -7.08 -17.60
CA CYS A 334 -10.47 -8.26 -16.75
C CYS A 334 -10.88 -9.45 -17.60
N THR A 335 -10.77 -10.63 -17.01
CA THR A 335 -11.16 -11.88 -17.66
C THR A 335 -12.42 -12.39 -16.97
N VAL A 336 -13.48 -12.59 -17.74
CA VAL A 336 -14.72 -13.17 -17.22
C VAL A 336 -15.04 -14.39 -18.07
N GLU A 337 -14.88 -15.58 -17.48
CA GLU A 337 -14.95 -16.84 -18.22
C GLU A 337 -16.10 -17.70 -17.71
N TYR A 338 -16.73 -18.41 -18.63
CA TYR A 338 -17.70 -19.42 -18.24
C TYR A 338 -16.99 -20.53 -17.47
N GLY A 339 -17.57 -20.90 -16.32
CA GLY A 339 -16.84 -21.75 -15.38
C GLY A 339 -16.54 -23.14 -15.91
N GLU A 340 -17.53 -23.79 -16.54
CA GLU A 340 -17.40 -25.20 -16.86
C GLU A 340 -16.54 -25.48 -18.09
N ASP A 341 -16.35 -24.51 -18.98
CA ASP A 341 -15.49 -24.70 -20.13
C ASP A 341 -14.01 -24.45 -19.83
N LEU A 342 -13.67 -24.05 -18.61
CA LEU A 342 -12.28 -23.86 -18.26
C LEU A 342 -11.58 -25.21 -18.19
N PRO A 343 -10.39 -25.36 -18.77
CA PRO A 343 -9.73 -26.68 -18.74
C PRO A 343 -9.25 -27.07 -17.35
N GLU A 344 -8.63 -26.14 -16.63
CA GLU A 344 -8.26 -26.38 -15.25
C GLU A 344 -9.47 -26.10 -14.34
N CYS A 345 -9.31 -26.35 -13.05
CA CYS A 345 -10.39 -26.09 -12.11
C CYS A 345 -10.53 -24.59 -11.87
N VAL A 346 -11.56 -24.22 -11.10
CA VAL A 346 -11.82 -22.80 -10.87
C VAL A 346 -10.80 -22.22 -9.90
N GLN A 347 -10.28 -23.02 -8.97
CA GLN A 347 -9.27 -22.52 -8.03
C GLN A 347 -7.94 -22.28 -8.73
N VAL A 348 -7.55 -23.18 -9.63
CA VAL A 348 -6.30 -22.99 -10.37
C VAL A 348 -6.41 -21.81 -11.33
N TYR A 349 -7.59 -21.64 -11.93
CA TYR A 349 -7.83 -20.46 -12.77
C TYR A 349 -7.80 -19.17 -11.94
N SER A 350 -8.48 -19.17 -10.79
CA SER A 350 -8.58 -17.96 -10.00
C SER A 350 -7.25 -17.57 -9.37
N MET A 351 -6.42 -18.55 -9.02
CA MET A 351 -5.14 -18.30 -8.38
C MET A 351 -4.01 -18.10 -9.38
N GLY A 352 -4.25 -18.29 -10.67
CA GLY A 352 -3.21 -18.23 -11.67
C GLY A 352 -3.06 -16.92 -12.41
N GLY A 353 -3.80 -15.88 -12.02
CA GLY A 353 -3.73 -14.63 -12.74
C GLY A 353 -4.56 -13.52 -12.12
N PRO A 354 -4.16 -12.28 -12.40
CA PRO A 354 -4.90 -11.14 -11.87
C PRO A 354 -6.14 -10.84 -12.70
N ASN A 355 -7.11 -10.19 -12.04
CA ASN A 355 -8.32 -9.68 -12.70
C ASN A 355 -9.11 -10.80 -13.36
N ARG A 356 -9.24 -11.92 -12.67
CA ARG A 356 -9.90 -13.10 -13.24
C ARG A 356 -11.22 -13.34 -12.50
N PHE A 357 -12.31 -13.35 -13.26
CA PHE A 357 -13.65 -13.59 -12.76
C PHE A 357 -14.25 -14.77 -13.52
N TYR A 358 -15.32 -15.33 -12.96
CA TYR A 358 -16.00 -16.42 -13.64
C TYR A 358 -17.49 -16.37 -13.31
N PHE A 359 -18.27 -17.08 -14.11
CA PHE A 359 -19.70 -17.21 -13.84
C PHE A 359 -20.12 -18.64 -14.13
N LEU A 360 -21.18 -19.06 -13.45
CA LEU A 360 -21.79 -20.36 -13.69
C LEU A 360 -23.25 -20.26 -14.14
N GLU A 361 -24.04 -19.40 -13.50
CA GLU A 361 -25.43 -19.19 -13.83
C GLU A 361 -25.62 -17.81 -14.45
N ALA A 362 -26.86 -17.56 -14.89
CA ALA A 362 -27.30 -16.25 -15.31
C ALA A 362 -28.35 -15.74 -14.34
N TYR A 363 -28.51 -14.42 -14.28
CA TYR A 363 -29.49 -13.79 -13.40
C TYR A 363 -30.58 -13.13 -14.24
N ASN A 364 -31.81 -13.57 -14.04
CA ASN A 364 -32.99 -12.97 -14.67
C ASN A 364 -33.59 -12.01 -13.66
N ALA A 365 -33.36 -10.71 -13.86
CA ALA A 365 -33.78 -9.70 -12.89
C ALA A 365 -35.30 -9.66 -12.77
N LYS A 366 -36.01 -9.68 -13.91
CA LYS A 366 -37.47 -9.63 -13.88
C LYS A 366 -38.04 -10.88 -13.22
N SER A 367 -37.51 -12.06 -13.57
CA SER A 367 -37.90 -13.31 -12.94
C SER A 367 -37.32 -13.49 -11.54
N LYS A 368 -36.33 -12.68 -11.15
CA LYS A 368 -35.71 -12.75 -9.84
C LYS A 368 -35.23 -14.17 -9.53
N SER A 369 -34.69 -14.84 -10.55
CA SER A 369 -34.30 -16.23 -10.43
C SER A 369 -33.02 -16.45 -11.24
N PHE A 370 -32.47 -17.65 -11.11
CA PHE A 370 -31.19 -18.00 -11.70
C PHE A 370 -31.37 -19.12 -12.71
N GLU A 371 -31.03 -18.84 -13.97
CA GLU A 371 -31.10 -19.81 -15.04
C GLU A 371 -29.71 -20.12 -15.58
N ASP A 372 -29.64 -21.14 -16.40
CA ASP A 372 -28.39 -21.45 -17.08
C ASP A 372 -28.06 -20.34 -18.07
N PRO A 373 -26.78 -20.03 -18.25
CA PRO A 373 -26.40 -18.95 -19.18
C PRO A 373 -26.60 -19.38 -20.62
N PRO A 374 -27.04 -18.46 -21.48
CA PRO A 374 -27.28 -18.81 -22.89
C PRO A 374 -25.98 -19.23 -23.60
N ASN A 375 -26.16 -19.81 -24.78
CA ASN A 375 -25.05 -20.43 -25.49
C ASN A 375 -24.02 -19.41 -25.97
N HIS A 376 -24.44 -18.17 -26.24
CA HIS A 376 -23.53 -17.17 -26.77
C HIS A 376 -22.63 -16.56 -25.71
N ALA A 377 -22.55 -17.15 -24.53
CA ALA A 377 -21.62 -16.71 -23.49
C ALA A 377 -20.40 -17.60 -23.38
N ARG A 378 -20.40 -18.76 -24.01
CA ARG A 378 -19.27 -19.70 -23.94
C ARG A 378 -18.09 -19.19 -24.76
N LEU A 410 10.93 -19.24 -14.30
CA LEU A 410 11.57 -18.17 -13.55
C LEU A 410 12.09 -18.67 -12.20
N PRO A 411 13.41 -18.82 -12.09
CA PRO A 411 13.99 -19.25 -10.82
C PRO A 411 13.85 -18.17 -9.76
N LYS A 412 13.56 -18.60 -8.54
CA LYS A 412 13.31 -17.67 -7.45
C LYS A 412 14.59 -16.97 -7.01
N LEU A 413 14.42 -15.83 -6.35
CA LEU A 413 15.55 -15.09 -5.80
C LEU A 413 15.94 -15.66 -4.45
N ARG A 414 17.24 -15.87 -4.24
CA ARG A 414 17.75 -16.21 -2.91
C ARG A 414 17.62 -15.00 -2.01
N THR A 415 16.77 -15.09 -0.98
CA THR A 415 16.38 -13.94 -0.18
C THR A 415 16.96 -14.02 1.23
N LEU A 416 17.39 -12.88 1.74
CA LEU A 416 17.79 -12.70 3.13
C LEU A 416 16.76 -11.81 3.80
N ASP A 417 16.12 -12.32 4.86
CA ASP A 417 15.08 -11.59 5.59
C ASP A 417 15.67 -11.15 6.93
N VAL A 418 15.99 -9.85 7.04
CA VAL A 418 16.53 -9.29 8.28
C VAL A 418 15.38 -8.75 9.12
N PHE A 419 15.47 -8.92 10.44
CA PHE A 419 14.35 -8.68 11.35
C PHE A 419 13.15 -9.52 10.92
N SER A 420 13.39 -10.82 10.73
CA SER A 420 12.43 -11.66 10.03
C SER A 420 11.13 -11.83 10.81
N GLY A 421 11.17 -11.76 12.14
CA GLY A 421 9.95 -12.05 12.86
C GLY A 421 9.55 -13.51 12.61
N CYS A 422 8.26 -13.78 12.80
CA CYS A 422 7.78 -15.11 12.46
C CYS A 422 7.69 -15.34 10.96
N GLY A 423 7.80 -14.27 10.15
CA GLY A 423 7.96 -14.42 8.71
C GLY A 423 6.81 -13.96 7.83
N GLY A 424 6.00 -13.01 8.32
CA GLY A 424 4.88 -12.53 7.51
C GLY A 424 5.33 -12.02 6.15
N LEU A 425 6.37 -11.18 6.14
CA LEU A 425 6.89 -10.63 4.89
C LEU A 425 7.42 -11.74 3.97
N SER A 426 8.22 -12.65 4.52
CA SER A 426 8.76 -13.76 3.73
C SER A 426 7.66 -14.67 3.22
N GLU A 427 6.65 -14.94 4.05
CA GLU A 427 5.54 -15.76 3.59
C GLU A 427 4.84 -15.14 2.38
N GLY A 428 4.61 -13.82 2.41
CA GLY A 428 3.98 -13.17 1.28
C GLY A 428 4.82 -13.26 0.02
N PHE A 429 6.12 -13.02 0.14
CA PHE A 429 7.02 -13.15 -1.00
C PHE A 429 7.02 -14.58 -1.53
N HIS A 430 6.88 -15.57 -0.65
CA HIS A 430 6.84 -16.94 -1.15
C HIS A 430 5.55 -17.21 -1.91
N GLN A 431 4.41 -16.71 -1.41
CA GLN A 431 3.15 -16.90 -2.12
C GLN A 431 3.21 -16.27 -3.51
N ALA A 432 3.88 -15.12 -3.63
CA ALA A 432 4.05 -14.49 -4.94
C ALA A 432 4.89 -15.32 -5.88
N GLY A 433 5.62 -16.32 -5.37
CA GLY A 433 6.43 -17.16 -6.22
C GLY A 433 7.76 -16.58 -6.66
N ILE A 434 8.24 -15.53 -6.00
CA ILE A 434 9.46 -14.86 -6.42
C ILE A 434 10.69 -15.24 -5.62
N SER A 435 10.53 -15.78 -4.40
CA SER A 435 11.65 -15.86 -3.49
C SER A 435 11.67 -17.18 -2.72
N ASP A 436 12.89 -17.63 -2.43
CA ASP A 436 13.14 -18.62 -1.38
C ASP A 436 13.97 -17.91 -0.32
N THR A 437 13.39 -17.69 0.86
CA THR A 437 14.13 -17.09 1.96
C THR A 437 15.09 -18.14 2.51
N LEU A 438 16.35 -18.09 2.07
CA LEU A 438 17.35 -19.06 2.52
C LEU A 438 18.05 -18.63 3.79
N TRP A 439 17.97 -17.35 4.17
CA TRP A 439 18.60 -16.84 5.37
C TRP A 439 17.65 -15.86 6.04
N ALA A 440 17.60 -15.92 7.38
CA ALA A 440 16.76 -15.03 8.16
C ALA A 440 17.48 -14.70 9.46
N ILE A 441 17.45 -13.42 9.84
CA ILE A 441 18.10 -12.93 11.05
C ILE A 441 17.01 -12.40 11.97
N GLU A 442 16.96 -12.92 13.20
CA GLU A 442 15.93 -12.53 14.16
C GLU A 442 16.48 -12.71 15.57
N MET A 443 16.65 -11.60 16.30
CA MET A 443 17.31 -11.63 17.59
C MET A 443 16.44 -12.28 18.67
N TRP A 444 15.12 -12.24 18.51
CA TRP A 444 14.19 -12.75 19.51
C TRP A 444 13.91 -14.23 19.26
N ASP A 445 14.30 -15.08 20.20
CA ASP A 445 14.29 -16.52 19.96
C ASP A 445 12.91 -17.08 19.64
N PRO A 446 11.83 -16.77 20.39
CA PRO A 446 10.51 -17.29 19.99
C PRO A 446 10.14 -17.00 18.54
N ALA A 447 10.41 -15.78 18.05
CA ALA A 447 10.09 -15.48 16.65
C ALA A 447 11.00 -16.23 15.71
N ALA A 448 12.28 -16.35 16.08
CA ALA A 448 13.21 -17.17 15.31
C ALA A 448 12.68 -18.58 15.16
N GLN A 449 12.20 -19.17 16.26
CA GLN A 449 11.68 -20.53 16.24
C GLN A 449 10.42 -20.64 15.40
N ALA A 450 9.54 -19.64 15.48
CA ALA A 450 8.37 -19.63 14.61
C ALA A 450 8.79 -19.64 13.15
N PHE A 451 9.77 -18.80 12.78
CA PHE A 451 10.24 -18.79 11.40
C PHE A 451 10.76 -20.15 10.99
N ARG A 452 11.47 -20.84 11.89
CA ARG A 452 12.06 -22.14 11.54
C ARG A 452 10.98 -23.19 11.29
N LEU A 453 9.89 -23.16 12.08
CA LEU A 453 8.82 -24.11 11.91
C LEU A 453 8.12 -23.98 10.57
N ASN A 454 8.10 -22.77 10.00
CA ASN A 454 7.43 -22.54 8.72
C ASN A 454 8.39 -22.56 7.55
N ASN A 455 9.70 -22.65 7.78
CA ASN A 455 10.70 -22.57 6.71
C ASN A 455 11.83 -23.55 6.99
N PRO A 456 11.60 -24.85 6.79
CA PRO A 456 12.61 -25.85 7.14
C PRO A 456 13.90 -25.73 6.34
N GLY A 457 13.85 -25.23 5.11
CA GLY A 457 15.08 -25.09 4.36
C GLY A 457 15.85 -23.81 4.62
N SER A 458 15.39 -22.98 5.54
CA SER A 458 16.04 -21.70 5.79
C SER A 458 17.06 -21.84 6.92
N THR A 459 18.14 -21.07 6.81
CA THR A 459 19.11 -20.93 7.88
C THR A 459 18.71 -19.71 8.71
N VAL A 460 18.24 -19.96 9.92
CA VAL A 460 17.71 -18.90 10.78
C VAL A 460 18.75 -18.59 11.85
N PHE A 461 19.27 -17.36 11.82
CA PHE A 461 20.24 -16.89 12.79
C PHE A 461 19.49 -16.18 13.91
N THR A 462 19.58 -16.73 15.12
CA THR A 462 19.07 -16.04 16.31
C THR A 462 20.23 -15.16 16.79
N GLU A 463 20.35 -14.01 16.13
CA GLU A 463 21.54 -13.17 16.26
C GLU A 463 21.14 -11.71 16.14
N ASP A 464 21.90 -10.85 16.81
CA ASP A 464 21.88 -9.43 16.57
C ASP A 464 22.41 -9.16 15.16
N CYS A 465 21.58 -8.52 14.32
CA CYS A 465 21.98 -8.26 12.95
C CYS A 465 23.27 -7.45 12.88
N ASN A 466 23.51 -6.59 13.88
CA ASN A 466 24.76 -5.82 13.95
C ASN A 466 25.96 -6.74 14.12
N ILE A 467 25.87 -7.69 15.04
CA ILE A 467 26.98 -8.62 15.28
C ILE A 467 27.26 -9.44 14.04
N LEU A 468 26.20 -9.95 13.41
CA LEU A 468 26.36 -10.86 12.28
C LEU A 468 27.03 -10.18 11.10
N LEU A 469 26.65 -8.93 10.80
CA LEU A 469 27.29 -8.22 9.71
C LEU A 469 28.75 -7.96 10.02
N LYS A 470 29.05 -7.59 11.27
CA LYS A 470 30.45 -7.42 11.68
C LYS A 470 31.26 -8.69 11.43
N LEU A 471 30.66 -9.86 11.68
CA LEU A 471 31.39 -11.11 11.45
C LEU A 471 31.67 -11.33 9.98
N VAL A 472 30.66 -11.11 9.13
CA VAL A 472 30.83 -11.27 7.69
C VAL A 472 31.88 -10.31 7.16
N MET A 473 31.84 -9.06 7.63
CA MET A 473 32.81 -8.08 7.17
C MET A 473 34.22 -8.42 7.62
N ALA A 474 34.38 -9.14 8.72
CA ALA A 474 35.72 -9.53 9.19
C ALA A 474 36.25 -10.77 8.49
N GLY A 475 35.49 -11.38 7.59
CA GLY A 475 35.92 -12.59 6.91
C GLY A 475 35.42 -13.89 7.49
N GLU A 476 34.45 -13.86 8.40
CA GLU A 476 34.00 -15.08 9.07
C GLU A 476 33.03 -15.85 8.19
N THR A 477 33.18 -17.17 8.17
CA THR A 477 32.35 -18.02 7.35
C THR A 477 31.15 -18.59 8.09
N THR A 478 31.23 -18.74 9.42
CA THR A 478 30.14 -19.26 10.21
C THR A 478 29.94 -18.41 11.46
N ASN A 479 28.72 -18.42 11.96
CA ASN A 479 28.41 -17.82 13.24
C ASN A 479 28.85 -18.78 14.34
N SER A 480 28.60 -18.42 15.61
CA SER A 480 29.10 -19.26 16.69
C SER A 480 28.34 -20.56 16.83
N ARG A 481 27.21 -20.72 16.15
CA ARG A 481 26.46 -21.97 16.13
C ARG A 481 26.95 -22.92 15.05
N GLY A 482 27.86 -22.50 14.18
CA GLY A 482 28.29 -23.30 13.05
C GLY A 482 27.43 -23.16 11.80
N GLN A 483 26.51 -22.20 11.77
CA GLN A 483 25.68 -21.99 10.59
C GLN A 483 26.42 -21.15 9.55
N ARG A 484 26.26 -21.51 8.28
CA ARG A 484 27.02 -20.85 7.22
C ARG A 484 26.48 -19.44 6.97
N LEU A 485 27.37 -18.45 7.01
CA LEU A 485 26.94 -17.08 6.78
C LEU A 485 26.80 -16.81 5.28
N PRO A 486 25.76 -16.08 4.86
CA PRO A 486 25.69 -15.65 3.46
C PRO A 486 26.83 -14.70 3.11
N GLN A 487 27.36 -14.86 1.90
CA GLN A 487 28.43 -14.02 1.39
C GLN A 487 27.94 -13.24 0.17
N LYS A 488 28.76 -12.27 -0.26
CA LYS A 488 28.46 -11.52 -1.47
C LYS A 488 28.21 -12.47 -2.63
N GLY A 489 27.14 -12.23 -3.38
CA GLY A 489 26.71 -13.10 -4.44
C GLY A 489 25.62 -14.07 -4.03
N ASP A 490 25.56 -14.45 -2.75
CA ASP A 490 24.53 -15.37 -2.31
C ASP A 490 23.18 -14.68 -2.23
N VAL A 491 23.17 -13.42 -1.82
CA VAL A 491 21.92 -12.70 -1.55
C VAL A 491 21.52 -11.95 -2.81
N GLU A 492 20.38 -12.33 -3.40
CA GLU A 492 19.81 -11.67 -4.56
C GLU A 492 18.68 -10.71 -4.20
N MET A 493 17.96 -10.99 -3.12
CA MET A 493 16.94 -10.09 -2.60
C MET A 493 17.14 -9.88 -1.11
N LEU A 494 16.97 -8.64 -0.66
CA LEU A 494 17.08 -8.28 0.75
C LEU A 494 15.80 -7.61 1.19
N CYS A 495 15.19 -8.13 2.24
CA CYS A 495 13.94 -7.55 2.74
C CYS A 495 13.91 -7.58 4.25
N GLY A 496 13.14 -6.66 4.82
CA GLY A 496 13.03 -6.61 6.26
C GLY A 496 12.17 -5.47 6.76
N GLY A 497 11.54 -5.65 7.92
CA GLY A 497 10.96 -4.54 8.61
C GLY A 497 11.66 -4.30 9.91
N PRO A 498 12.50 -3.27 9.96
CA PRO A 498 13.10 -2.87 11.23
C PRO A 498 12.03 -2.60 12.27
N PRO A 499 12.36 -2.71 13.56
CA PRO A 499 11.36 -2.45 14.61
C PRO A 499 10.62 -1.13 14.36
N CYS A 500 9.31 -1.17 14.53
CA CYS A 500 8.46 0.00 14.34
C CYS A 500 8.37 0.85 15.59
N GLN A 501 8.80 0.32 16.73
CA GLN A 501 8.45 0.90 18.02
C GLN A 501 9.08 2.26 18.21
N GLY A 502 10.20 2.54 17.55
CA GLY A 502 10.80 3.86 17.67
C GLY A 502 10.12 4.94 16.86
N PHE A 503 9.41 4.55 15.79
CA PHE A 503 8.67 5.50 14.96
C PHE A 503 7.19 5.56 15.29
N SER A 504 6.67 4.65 16.11
CA SER A 504 5.23 4.60 16.34
C SER A 504 4.76 5.82 17.10
N GLY A 505 3.66 6.41 16.64
CA GLY A 505 3.12 7.60 17.29
C GLY A 505 2.56 7.33 18.67
N MET A 506 2.24 6.07 18.99
CA MET A 506 1.79 5.70 20.33
C MET A 506 2.92 5.69 21.35
N ASN A 507 4.18 5.71 20.91
CA ASN A 507 5.33 5.61 21.80
C ASN A 507 5.59 6.97 22.42
N ARG A 508 5.20 7.15 23.69
CA ARG A 508 5.41 8.41 24.39
C ARG A 508 6.89 8.68 24.64
N PHE A 509 7.70 7.64 24.81
CA PHE A 509 9.04 7.77 25.37
C PHE A 509 10.13 7.55 24.33
N ASN A 510 9.83 7.76 23.05
CA ASN A 510 10.86 7.65 22.02
C ASN A 510 12.00 8.64 22.23
N SER A 511 11.85 9.58 23.15
CA SER A 511 12.86 10.58 23.48
C SER A 511 13.84 10.10 24.56
N ARG A 512 13.86 8.80 24.85
CA ARG A 512 14.64 8.28 25.97
C ARG A 512 15.98 7.66 25.53
N THR A 513 15.94 6.64 24.69
CA THR A 513 17.12 5.84 24.39
C THR A 513 17.70 6.12 23.01
N TYR A 514 16.92 5.93 21.95
CA TYR A 514 17.42 5.98 20.57
C TYR A 514 17.33 7.42 20.06
N SER A 515 18.49 8.05 19.88
CA SER A 515 18.57 9.43 19.43
C SER A 515 19.33 9.60 18.12
N LYS A 516 20.36 8.81 17.86
CA LYS A 516 21.20 8.98 16.69
C LYS A 516 20.68 8.16 15.51
N PHE A 517 20.86 8.70 14.31
CA PHE A 517 20.53 7.97 13.09
C PHE A 517 21.67 7.07 12.63
N LYS A 518 22.91 7.53 12.80
CA LYS A 518 24.06 6.70 12.45
C LYS A 518 24.09 5.38 13.20
N ASN A 519 23.45 5.30 14.37
CA ASN A 519 23.47 4.11 15.21
C ASN A 519 22.13 3.38 15.23
N SER A 520 21.29 3.58 14.21
CA SER A 520 19.96 3.00 14.20
C SER A 520 19.94 1.71 13.40
N LEU A 521 18.94 0.88 13.69
CA LEU A 521 18.76 -0.36 12.95
C LEU A 521 18.43 -0.10 11.49
N VAL A 522 17.83 1.06 11.17
CA VAL A 522 17.60 1.38 9.76
C VAL A 522 18.93 1.46 9.03
N VAL A 523 19.94 2.07 9.64
CA VAL A 523 21.26 2.17 9.03
C VAL A 523 21.95 0.82 8.99
N SER A 524 21.79 0.02 10.05
CA SER A 524 22.29 -1.36 10.02
C SER A 524 21.75 -2.08 8.79
N PHE A 525 20.46 -1.91 8.51
CA PHE A 525 19.84 -2.58 7.38
C PHE A 525 20.39 -2.06 6.05
N LEU A 526 20.58 -0.75 5.93
CA LEU A 526 21.19 -0.21 4.71
C LEU A 526 22.62 -0.71 4.52
N SER A 527 23.33 -0.99 5.63
CA SER A 527 24.67 -1.54 5.53
C SER A 527 24.66 -2.96 4.95
N TYR A 528 23.64 -3.74 5.30
CA TYR A 528 23.43 -5.02 4.61
C TYR A 528 23.24 -4.80 3.11
N CYS A 529 22.43 -3.81 2.74
CA CYS A 529 22.20 -3.51 1.33
C CYS A 529 23.49 -3.12 0.62
N ASP A 530 24.25 -2.19 1.21
CA ASP A 530 25.53 -1.80 0.64
C ASP A 530 26.46 -2.99 0.47
N TYR A 531 26.53 -3.87 1.47
CA TYR A 531 27.49 -4.97 1.42
C TYR A 531 27.09 -6.02 0.38
N TYR A 532 25.87 -6.54 0.49
CA TYR A 532 25.47 -7.64 -0.39
C TYR A 532 25.05 -7.19 -1.78
N ARG A 533 24.62 -5.94 -1.95
CA ARG A 533 24.19 -5.40 -3.24
C ARG A 533 23.20 -6.32 -3.95
N PRO A 534 22.03 -6.57 -3.36
CA PRO A 534 21.05 -7.46 -4.00
C PRO A 534 20.37 -6.79 -5.20
N ARG A 535 19.70 -7.63 -5.99
CA ARG A 535 18.98 -7.12 -7.15
C ARG A 535 17.79 -6.26 -6.73
N PHE A 536 17.10 -6.65 -5.65
CA PHE A 536 15.96 -5.93 -5.15
C PHE A 536 16.06 -5.80 -3.63
N PHE A 537 15.37 -4.79 -3.11
CA PHE A 537 15.50 -4.41 -1.71
C PHE A 537 14.13 -3.89 -1.27
N LEU A 538 13.75 -4.22 -0.03
CA LEU A 538 12.46 -3.77 0.48
C LEU A 538 12.60 -3.48 1.97
N LEU A 539 12.15 -2.29 2.37
CA LEU A 539 12.11 -1.88 3.77
C LEU A 539 10.68 -1.46 4.09
N GLU A 540 10.13 -2.01 5.17
CA GLU A 540 8.77 -1.74 5.59
C GLU A 540 8.78 -1.13 7.00
N ASN A 541 7.77 -0.29 7.28
CA ASN A 541 7.63 0.28 8.62
C ASN A 541 6.25 0.91 8.74
N VAL A 542 5.97 1.48 9.91
CA VAL A 542 4.72 2.19 10.13
C VAL A 542 4.71 3.48 9.30
N ARG A 543 3.51 4.03 9.10
CA ARG A 543 3.35 5.24 8.30
C ARG A 543 4.22 6.37 8.84
N ASN A 544 4.27 6.53 10.17
CA ASN A 544 5.01 7.64 10.78
C ASN A 544 6.50 7.63 10.42
N PHE A 545 7.02 6.54 9.84
CA PHE A 545 8.38 6.54 9.33
C PHE A 545 8.61 7.66 8.32
N VAL A 546 7.61 8.01 7.51
CA VAL A 546 7.81 9.04 6.49
C VAL A 546 7.82 10.44 7.07
N SER A 547 7.20 10.68 8.23
CA SER A 547 7.14 12.01 8.82
C SER A 547 8.04 12.18 10.02
N PHE A 548 8.59 11.10 10.57
CA PHE A 548 9.41 11.17 11.77
C PHE A 548 10.58 12.14 11.60
N LYS A 549 10.74 13.04 12.57
CA LYS A 549 11.80 14.04 12.55
C LYS A 549 11.77 14.87 11.26
N ARG A 550 10.61 15.45 10.98
CA ARG A 550 10.39 16.28 9.79
C ARG A 550 10.89 15.57 8.53
N SER A 551 10.64 14.25 8.48
CA SER A 551 10.96 13.37 7.35
C SER A 551 12.45 13.16 7.14
N MET A 552 13.31 13.50 8.10
CA MET A 552 14.75 13.36 7.91
C MET A 552 15.17 11.89 7.75
N VAL A 553 14.53 10.98 8.49
CA VAL A 553 14.90 9.57 8.40
C VAL A 553 14.56 9.02 7.01
N LEU A 554 13.41 9.41 6.48
CA LEU A 554 13.05 9.01 5.12
C LEU A 554 14.07 9.55 4.11
N LYS A 555 14.40 10.85 4.23
CA LYS A 555 15.28 11.48 3.24
C LYS A 555 16.70 10.92 3.31
N LEU A 556 17.19 10.61 4.51
CA LEU A 556 18.53 10.06 4.63
C LEU A 556 18.59 8.61 4.15
N THR A 557 17.50 7.86 4.33
CA THR A 557 17.47 6.50 3.80
C THR A 557 17.56 6.52 2.27
N LEU A 558 16.71 7.32 1.62
CA LEU A 558 16.76 7.42 0.16
C LEU A 558 18.10 7.96 -0.30
N ARG A 559 18.67 8.91 0.44
CA ARG A 559 19.98 9.44 0.09
C ARG A 559 21.03 8.33 0.07
N CYS A 560 21.02 7.44 1.08
CA CYS A 560 21.97 6.34 1.11
C CYS A 560 21.82 5.45 -0.11
N LEU A 561 20.59 5.13 -0.49
CA LEU A 561 20.36 4.23 -1.62
C LEU A 561 20.90 4.81 -2.92
N VAL A 562 20.61 6.08 -3.21
CA VAL A 562 21.10 6.64 -4.46
C VAL A 562 22.62 6.78 -4.43
N ARG A 563 23.20 7.04 -3.25
CA ARG A 563 24.65 7.06 -3.14
C ARG A 563 25.27 5.71 -3.48
N MET A 564 24.59 4.62 -3.11
CA MET A 564 25.05 3.29 -3.51
C MET A 564 24.90 3.06 -5.00
N GLY A 565 24.04 3.81 -5.68
CA GLY A 565 23.72 3.58 -7.07
C GLY A 565 22.41 2.87 -7.31
N TYR A 566 21.53 2.80 -6.31
CA TYR A 566 20.27 2.10 -6.44
C TYR A 566 19.20 3.00 -7.03
N GLN A 567 18.39 2.43 -7.92
CA GLN A 567 17.07 2.98 -8.17
C GLN A 567 16.22 2.75 -6.94
N CYS A 568 15.35 3.71 -6.62
CA CYS A 568 14.58 3.57 -5.40
C CYS A 568 13.33 4.45 -5.47
N THR A 569 12.45 4.22 -4.51
CA THR A 569 11.21 4.97 -4.37
C THR A 569 10.61 4.63 -3.01
N PHE A 570 9.55 5.35 -2.66
CA PHE A 570 8.85 5.11 -1.41
C PHE A 570 7.37 5.36 -1.60
N GLY A 571 6.56 4.79 -0.71
CA GLY A 571 5.13 5.00 -0.77
C GLY A 571 4.51 4.50 0.51
N VAL A 572 3.23 4.84 0.69
CA VAL A 572 2.43 4.36 1.80
C VAL A 572 1.32 3.49 1.24
N LEU A 573 1.14 2.29 1.82
CA LEU A 573 0.12 1.37 1.36
C LEU A 573 -0.85 1.06 2.50
N GLN A 574 -2.11 0.84 2.15
CA GLN A 574 -3.13 0.45 3.11
C GLN A 574 -3.34 -1.05 2.97
N ALA A 575 -2.95 -1.83 3.99
CA ALA A 575 -3.06 -3.29 3.91
C ALA A 575 -4.47 -3.73 3.55
N GLY A 576 -5.49 -3.04 4.09
CA GLY A 576 -6.88 -3.39 3.79
C GLY A 576 -7.23 -3.36 2.32
N GLN A 577 -6.51 -2.58 1.51
CA GLN A 577 -6.76 -2.55 0.08
C GLN A 577 -6.20 -3.78 -0.63
N TYR A 578 -5.54 -4.68 0.09
CA TYR A 578 -4.95 -5.85 -0.54
C TYR A 578 -5.46 -7.15 0.08
N GLY A 579 -6.49 -7.08 0.92
CA GLY A 579 -7.25 -8.27 1.22
C GLY A 579 -7.40 -8.68 2.67
N VAL A 580 -7.19 -7.76 3.63
CA VAL A 580 -7.47 -8.07 5.02
C VAL A 580 -8.52 -7.11 5.55
N ALA A 581 -9.22 -7.56 6.60
CA ALA A 581 -10.21 -6.73 7.27
C ALA A 581 -9.53 -5.89 8.35
N GLN A 582 -8.62 -5.01 7.93
CA GLN A 582 -7.82 -4.30 8.92
C GLN A 582 -7.29 -3.01 8.33
N THR A 583 -7.38 -1.92 9.10
CA THR A 583 -6.69 -0.70 8.70
C THR A 583 -5.25 -0.76 9.19
N ARG A 584 -4.31 -0.76 8.24
CA ARG A 584 -2.89 -0.85 8.59
C ARG A 584 -2.13 -0.15 7.47
N ARG A 585 -1.81 1.12 7.68
CA ARG A 585 -1.05 1.89 6.71
C ARG A 585 0.42 1.70 6.97
N ARG A 586 1.17 1.31 5.93
CA ARG A 586 2.57 0.99 6.09
C ARG A 586 3.39 1.75 5.05
N ALA A 587 4.55 2.24 5.48
CA ALA A 587 5.50 2.89 4.59
C ALA A 587 6.40 1.83 3.98
N ILE A 588 6.72 2.00 2.69
CA ILE A 588 7.46 0.99 1.93
C ILE A 588 8.51 1.71 1.10
N ILE A 589 9.78 1.36 1.30
CA ILE A 589 10.86 1.78 0.41
C ILE A 589 11.23 0.59 -0.46
N LEU A 590 11.19 0.79 -1.76
CA LEU A 590 11.63 -0.21 -2.73
C LEU A 590 12.88 0.29 -3.44
N ALA A 591 13.82 -0.62 -3.68
CA ALA A 591 15.03 -0.30 -4.43
C ALA A 591 15.35 -1.45 -5.38
N ALA A 592 16.07 -1.13 -6.46
CA ALA A 592 16.38 -2.10 -7.49
C ALA A 592 17.75 -1.79 -8.06
N ALA A 593 18.50 -2.84 -8.39
CA ALA A 593 19.86 -2.68 -8.86
C ALA A 593 19.89 -2.02 -10.24
N PRO A 594 21.01 -1.41 -10.62
CA PRO A 594 21.05 -0.65 -11.89
C PRO A 594 20.59 -1.42 -13.12
N GLY A 595 20.94 -2.70 -13.25
CA GLY A 595 20.47 -3.44 -14.41
C GLY A 595 19.02 -3.87 -14.36
N GLU A 596 18.30 -3.53 -13.30
CA GLU A 596 16.95 -4.00 -13.09
C GLU A 596 15.92 -2.92 -13.41
N LYS A 597 14.66 -3.33 -13.46
CA LYS A 597 13.53 -2.42 -13.53
C LYS A 597 13.04 -2.16 -12.11
N LEU A 598 12.79 -0.89 -11.79
CA LEU A 598 12.28 -0.53 -10.48
C LEU A 598 10.79 -0.84 -10.39
N PRO A 599 10.36 -1.61 -9.39
CA PRO A 599 8.95 -2.02 -9.33
C PRO A 599 7.99 -0.86 -9.11
N LEU A 600 6.77 -1.05 -9.60
CA LEU A 600 5.66 -0.18 -9.25
C LEU A 600 5.02 -0.64 -7.95
N PHE A 601 4.35 0.29 -7.27
CA PHE A 601 3.52 -0.13 -6.15
C PHE A 601 2.25 -0.79 -6.66
N PRO A 602 1.73 -1.79 -5.96
CA PRO A 602 0.61 -2.56 -6.50
C PRO A 602 -0.70 -1.80 -6.41
N GLU A 603 -1.51 -1.94 -7.47
CA GLU A 603 -2.83 -1.32 -7.48
C GLU A 603 -3.72 -2.00 -6.45
N PRO A 604 -4.54 -1.22 -5.72
CA PRO A 604 -5.49 -1.81 -4.77
C PRO A 604 -6.38 -2.86 -5.40
N LEU A 605 -6.59 -3.95 -4.67
CA LEU A 605 -7.45 -5.05 -5.10
C LEU A 605 -8.85 -4.96 -4.51
N HIS A 606 -8.98 -4.45 -3.29
CA HIS A 606 -10.25 -4.39 -2.57
C HIS A 606 -10.59 -2.94 -2.27
N VAL A 607 -11.88 -2.58 -2.37
CA VAL A 607 -12.31 -1.28 -1.90
C VAL A 607 -12.17 -1.23 -0.38
N PHE A 608 -11.97 -0.01 0.14
CA PHE A 608 -11.75 0.15 1.56
C PHE A 608 -12.16 1.57 1.96
N ALA A 609 -12.54 1.73 3.22
CA ALA A 609 -13.06 3.00 3.70
C ALA A 609 -12.11 4.14 3.34
N PRO A 610 -12.60 5.21 2.70
CA PRO A 610 -11.70 6.27 2.20
C PRO A 610 -10.90 6.97 3.29
N ARG A 611 -11.42 7.06 4.51
CA ARG A 611 -10.67 7.76 5.56
C ARG A 611 -9.39 7.02 5.93
N ALA A 612 -9.35 5.71 5.74
CA ALA A 612 -8.17 4.91 6.03
C ALA A 612 -7.19 4.82 4.85
N CYS A 613 -7.46 5.49 3.73
CA CYS A 613 -6.65 5.37 2.52
C CYS A 613 -6.00 6.69 2.13
N GLN A 614 -5.63 7.51 3.12
CA GLN A 614 -4.82 8.70 2.89
C GLN A 614 -3.36 8.29 2.79
N LEU A 615 -2.84 8.22 1.56
CA LEU A 615 -1.52 7.67 1.28
C LEU A 615 -0.50 8.70 0.83
N SER A 616 -0.90 9.95 0.63
CA SER A 616 0.04 10.95 0.18
C SER A 616 0.95 11.36 1.32
N VAL A 617 2.13 11.87 0.97
CA VAL A 617 3.15 12.19 1.96
C VAL A 617 3.74 13.55 1.62
N VAL A 618 3.70 14.46 2.58
CA VAL A 618 4.33 15.77 2.44
C VAL A 618 5.76 15.70 2.97
N VAL A 619 6.72 16.13 2.15
CA VAL A 619 8.11 16.23 2.55
C VAL A 619 8.60 17.62 2.14
N ASP A 620 8.93 18.45 3.13
CA ASP A 620 9.45 19.80 2.88
C ASP A 620 8.53 20.58 1.95
N ASP A 621 7.24 20.64 2.31
CA ASP A 621 6.23 21.40 1.61
C ASP A 621 6.01 20.92 0.17
N LYS A 622 6.39 19.68 -0.13
CA LYS A 622 6.13 19.06 -1.43
C LYS A 622 5.37 17.76 -1.20
N LYS A 623 4.17 17.67 -1.78
CA LYS A 623 3.37 16.46 -1.66
C LYS A 623 3.84 15.42 -2.66
N PHE A 624 3.97 14.18 -2.20
CA PHE A 624 4.30 13.04 -3.06
C PHE A 624 3.19 12.00 -2.98
N VAL A 625 2.97 11.32 -4.12
CA VAL A 625 2.05 10.20 -4.23
C VAL A 625 2.77 9.05 -4.92
N SER A 626 2.19 7.87 -4.81
CA SER A 626 2.70 6.71 -5.53
C SER A 626 2.02 6.59 -6.89
N ASN A 627 2.48 5.63 -7.69
CA ASN A 627 1.92 5.35 -9.02
C ASN A 627 0.46 4.93 -8.98
N ILE A 628 -0.09 4.65 -7.80
CA ILE A 628 -1.41 4.05 -7.70
C ILE A 628 -2.48 4.96 -8.32
N THR A 629 -3.29 4.39 -9.21
CA THR A 629 -4.34 5.12 -9.91
C THR A 629 -5.75 4.72 -9.49
N ARG A 630 -5.93 3.58 -8.81
CA ARG A 630 -7.24 3.20 -8.31
C ARG A 630 -7.50 3.96 -7.01
N LEU A 631 -8.22 5.06 -7.10
CA LEU A 631 -8.42 5.92 -5.94
C LEU A 631 -9.84 5.88 -5.37
N SER A 632 -10.83 5.47 -6.15
CA SER A 632 -12.21 5.51 -5.69
C SER A 632 -12.96 4.21 -5.89
N SER A 633 -12.33 3.17 -6.44
CA SER A 633 -12.99 1.87 -6.58
C SER A 633 -11.92 0.82 -6.86
N GLY A 634 -12.37 -0.42 -7.04
CA GLY A 634 -11.49 -1.55 -7.23
C GLY A 634 -12.27 -2.80 -7.60
N PRO A 635 -11.57 -3.87 -7.98
CA PRO A 635 -12.30 -5.04 -8.50
C PRO A 635 -13.06 -5.84 -7.44
N PHE A 636 -12.54 -5.95 -6.22
CA PHE A 636 -13.15 -6.84 -5.24
C PHE A 636 -13.76 -6.06 -4.07
N ARG A 637 -14.82 -6.62 -3.52
CA ARG A 637 -15.47 -6.03 -2.36
C ARG A 637 -14.52 -6.04 -1.16
N THR A 638 -14.90 -5.29 -0.14
CA THR A 638 -14.09 -5.16 1.06
C THR A 638 -14.22 -6.41 1.93
N ILE A 639 -13.14 -6.74 2.64
CA ILE A 639 -13.10 -7.90 3.53
C ILE A 639 -13.49 -7.43 4.92
N THR A 640 -14.43 -8.15 5.55
CA THR A 640 -15.03 -7.72 6.80
C THR A 640 -14.60 -8.61 7.95
N VAL A 641 -14.95 -8.19 9.17
CA VAL A 641 -14.69 -9.03 10.34
C VAL A 641 -15.42 -10.36 10.20
N ARG A 642 -16.63 -10.34 9.60
CA ARG A 642 -17.37 -11.57 9.34
C ARG A 642 -16.59 -12.50 8.42
N ASP A 643 -16.08 -11.96 7.30
CA ASP A 643 -15.27 -12.78 6.39
C ASP A 643 -14.08 -13.38 7.12
N THR A 644 -13.59 -12.71 8.15
CA THR A 644 -12.30 -13.05 8.75
C THR A 644 -12.45 -14.15 9.80
N MET A 645 -13.51 -14.12 10.60
CA MET A 645 -13.56 -15.04 11.72
C MET A 645 -14.96 -15.54 12.07
N SER A 646 -15.93 -15.49 11.14
CA SER A 646 -17.25 -15.99 11.47
C SER A 646 -17.29 -17.50 11.68
N ASP A 647 -16.30 -18.25 11.18
CA ASP A 647 -16.26 -19.70 11.32
C ASP A 647 -15.59 -20.18 12.60
N LEU A 648 -15.07 -19.28 13.43
CA LEU A 648 -14.30 -19.85 14.54
C LEU A 648 -15.22 -20.17 15.72
N PRO A 649 -15.01 -21.30 16.38
CA PRO A 649 -15.92 -21.69 17.47
C PRO A 649 -15.78 -20.77 18.68
N GLU A 650 -16.86 -20.71 19.44
CA GLU A 650 -16.90 -19.86 20.62
C GLU A 650 -15.95 -20.39 21.68
N VAL A 651 -15.14 -19.50 22.26
CA VAL A 651 -14.26 -19.83 23.36
C VAL A 651 -14.43 -18.78 24.45
N ARG A 652 -13.98 -19.13 25.64
CA ARG A 652 -14.17 -18.28 26.81
C ARG A 652 -12.97 -17.36 27.01
N ASN A 653 -13.17 -16.33 27.81
CA ASN A 653 -12.07 -15.51 28.31
C ASN A 653 -11.00 -16.41 28.92
N GLY A 654 -9.78 -16.33 28.39
CA GLY A 654 -8.70 -17.14 28.90
C GLY A 654 -8.59 -18.52 28.32
N ALA A 655 -9.23 -18.79 27.18
CA ALA A 655 -9.13 -20.10 26.51
C ALA A 655 -7.67 -20.45 26.28
N SER A 656 -7.30 -21.69 26.64
CA SER A 656 -5.93 -22.13 26.56
C SER A 656 -5.76 -23.46 25.81
N ALA A 657 -6.83 -24.06 25.33
CA ALA A 657 -6.72 -25.28 24.54
C ALA A 657 -6.07 -24.98 23.20
N LEU A 658 -4.84 -25.47 23.02
CA LEU A 658 -4.05 -25.15 21.83
C LEU A 658 -4.57 -25.83 20.57
N GLU A 659 -5.37 -26.88 20.70
CA GLU A 659 -5.80 -27.68 19.55
C GLU A 659 -7.24 -28.10 19.78
N ILE A 660 -8.17 -27.55 18.99
CA ILE A 660 -9.59 -27.80 19.14
C ILE A 660 -10.19 -28.10 17.77
N SER A 661 -11.46 -28.46 17.78
CA SER A 661 -12.23 -28.66 16.56
C SER A 661 -12.70 -27.32 16.00
N TYR A 662 -12.76 -27.23 14.67
CA TYR A 662 -13.40 -26.10 14.02
C TYR A 662 -14.92 -26.13 14.19
N ASN A 663 -15.50 -27.32 14.39
CA ASN A 663 -16.95 -27.51 14.51
C ASN A 663 -17.71 -27.06 13.27
N GLY A 664 -17.08 -27.11 12.10
CA GLY A 664 -17.79 -26.81 10.87
C GLY A 664 -16.85 -26.39 9.77
N GLU A 665 -17.40 -26.33 8.56
CA GLU A 665 -16.62 -26.02 7.37
C GLU A 665 -16.43 -24.51 7.22
N PRO A 666 -15.43 -24.08 6.44
CA PRO A 666 -15.25 -22.65 6.20
C PRO A 666 -16.48 -22.07 5.51
N GLN A 667 -16.80 -20.82 5.87
CA GLN A 667 -18.02 -20.18 5.40
C GLN A 667 -17.78 -19.16 4.29
N SER A 668 -16.75 -18.34 4.41
CA SER A 668 -16.47 -17.31 3.43
C SER A 668 -15.33 -17.72 2.50
N TRP A 669 -15.27 -17.04 1.36
CA TRP A 669 -14.11 -17.17 0.47
C TRP A 669 -12.82 -16.98 1.25
N PHE A 670 -12.79 -15.94 2.09
CA PHE A 670 -11.57 -15.62 2.83
C PHE A 670 -11.18 -16.76 3.76
N GLN A 671 -12.16 -17.42 4.39
CA GLN A 671 -11.87 -18.56 5.25
C GLN A 671 -11.47 -19.77 4.44
N ARG A 672 -12.14 -20.01 3.30
CA ARG A 672 -11.68 -21.08 2.41
C ARG A 672 -10.22 -20.86 2.00
N GLN A 673 -9.83 -19.61 1.72
CA GLN A 673 -8.44 -19.35 1.31
C GLN A 673 -7.47 -19.61 2.44
N LEU A 674 -7.81 -19.17 3.66
CA LEU A 674 -6.88 -19.28 4.78
C LEU A 674 -6.86 -20.67 5.41
N ARG A 675 -7.95 -21.41 5.36
CA ARG A 675 -7.89 -22.77 5.89
C ARG A 675 -7.21 -23.73 4.93
N GLY A 676 -7.12 -23.38 3.65
CA GLY A 676 -6.39 -24.16 2.68
C GLY A 676 -7.23 -25.24 2.04
N ALA A 677 -6.65 -25.88 1.03
CA ALA A 677 -7.35 -26.94 0.30
C ALA A 677 -7.42 -28.23 1.12
N GLN A 678 -6.28 -28.68 1.64
CA GLN A 678 -6.24 -29.91 2.42
C GLN A 678 -7.09 -29.77 3.68
N TYR A 679 -7.88 -30.80 3.96
CA TYR A 679 -8.72 -30.79 5.15
C TYR A 679 -7.86 -30.65 6.40
N GLN A 680 -8.25 -29.75 7.29
CA GLN A 680 -7.54 -29.55 8.54
C GLN A 680 -8.40 -30.03 9.69
N PRO A 681 -8.05 -31.13 10.35
CA PRO A 681 -8.90 -31.64 11.44
C PRO A 681 -8.83 -30.82 12.71
N ILE A 682 -7.78 -30.01 12.91
CA ILE A 682 -7.55 -29.34 14.17
C ILE A 682 -7.35 -27.84 13.93
N LEU A 683 -7.93 -27.02 14.80
CA LEU A 683 -7.71 -25.58 14.81
C LEU A 683 -6.71 -25.22 15.89
N ARG A 684 -5.62 -24.58 15.50
CA ARG A 684 -4.54 -24.22 16.41
C ARG A 684 -4.64 -22.77 16.87
N ASP A 685 -4.20 -22.53 18.11
CA ASP A 685 -3.93 -21.19 18.63
C ASP A 685 -5.16 -20.31 18.68
N HIS A 686 -6.34 -20.91 18.83
CA HIS A 686 -7.53 -20.12 19.11
C HIS A 686 -7.66 -19.91 20.61
N ILE A 687 -6.65 -19.23 21.16
CA ILE A 687 -6.49 -19.02 22.59
C ILE A 687 -6.56 -17.53 22.89
N CYS A 688 -7.07 -17.21 24.08
CA CYS A 688 -7.30 -15.83 24.51
C CYS A 688 -6.55 -15.56 25.80
N LYS A 689 -6.05 -14.34 25.93
CA LYS A 689 -5.50 -13.88 27.19
C LYS A 689 -6.53 -14.01 28.30
N ASP A 690 -6.07 -14.39 29.50
CA ASP A 690 -6.94 -14.59 30.65
C ASP A 690 -7.03 -13.28 31.41
N MET A 691 -8.04 -12.48 31.10
CA MET A 691 -8.22 -11.19 31.73
C MET A 691 -8.81 -11.35 33.12
N SER A 692 -8.47 -10.40 34.00
CA SER A 692 -8.85 -10.46 35.39
C SER A 692 -10.37 -10.36 35.55
N ALA A 693 -10.83 -10.67 36.77
CA ALA A 693 -12.25 -10.67 37.05
C ALA A 693 -12.88 -9.31 36.77
N LEU A 694 -12.20 -8.23 37.16
CA LEU A 694 -12.71 -6.88 36.90
C LEU A 694 -12.83 -6.62 35.41
N VAL A 695 -11.74 -6.84 34.67
CA VAL A 695 -11.75 -6.58 33.23
C VAL A 695 -12.74 -7.48 32.52
N ALA A 696 -12.83 -8.74 32.96
CA ALA A 696 -13.83 -9.65 32.40
C ALA A 696 -15.24 -9.16 32.68
N ALA A 697 -15.48 -8.62 33.88
CA ALA A 697 -16.78 -8.05 34.19
C ALA A 697 -17.05 -6.79 33.37
N ARG A 698 -16.01 -6.01 33.05
CA ARG A 698 -16.20 -4.87 32.16
C ARG A 698 -16.63 -5.33 30.78
N MET A 699 -15.94 -6.34 30.23
CA MET A 699 -16.24 -6.81 28.89
C MET A 699 -17.66 -7.36 28.79
N ARG A 700 -18.14 -8.01 29.85
CA ARG A 700 -19.46 -8.63 29.83
C ARG A 700 -20.59 -7.61 29.78
N HIS A 701 -20.32 -6.33 30.08
CA HIS A 701 -21.36 -5.31 30.03
C HIS A 701 -21.07 -4.25 28.97
N ILE A 702 -20.23 -4.57 28.00
CA ILE A 702 -20.08 -3.76 26.79
C ILE A 702 -21.13 -4.23 25.80
N PRO A 703 -22.09 -3.39 25.43
CA PRO A 703 -23.16 -3.81 24.50
C PRO A 703 -22.61 -4.37 23.20
N LEU A 704 -23.42 -5.23 22.57
CA LEU A 704 -23.03 -5.85 21.30
C LEU A 704 -23.23 -4.94 20.10
N ALA A 705 -24.00 -3.86 20.25
CA ALA A 705 -24.34 -3.03 19.09
C ALA A 705 -23.10 -2.35 18.52
N PRO A 706 -23.06 -2.13 17.21
CA PRO A 706 -21.88 -1.51 16.58
C PRO A 706 -21.52 -0.17 17.22
N GLY A 707 -20.23 0.00 17.48
CA GLY A 707 -19.71 1.22 18.10
C GLY A 707 -19.64 1.20 19.60
N SER A 708 -19.98 0.09 20.25
CA SER A 708 -20.01 0.06 21.70
C SER A 708 -18.59 0.02 22.24
N ASP A 709 -18.31 0.85 23.23
CA ASP A 709 -17.01 0.84 23.89
C ASP A 709 -17.23 1.22 25.35
N TRP A 710 -16.15 1.63 26.02
CA TRP A 710 -16.22 1.88 27.47
C TRP A 710 -17.30 2.90 27.82
N ARG A 711 -17.63 3.81 26.91
CA ARG A 711 -18.59 4.86 27.19
C ARG A 711 -19.99 4.34 27.42
N ASP A 712 -20.27 3.09 27.04
CA ASP A 712 -21.59 2.49 27.21
C ASP A 712 -21.70 1.67 28.49
N LEU A 713 -20.69 1.71 29.35
CA LEU A 713 -20.68 0.84 30.52
C LEU A 713 -21.72 1.31 31.54
N PRO A 714 -22.48 0.39 32.13
CA PRO A 714 -23.38 0.79 33.21
C PRO A 714 -22.60 1.23 34.43
N ASN A 715 -23.21 2.10 35.22
CA ASN A 715 -22.60 2.57 36.47
C ASN A 715 -23.21 1.75 37.61
N ILE A 716 -22.71 0.52 37.76
CA ILE A 716 -23.21 -0.43 38.75
C ILE A 716 -22.03 -1.04 39.49
N GLU A 717 -22.28 -1.43 40.75
CA GLU A 717 -21.41 -2.37 41.42
C GLU A 717 -21.76 -3.79 40.98
N VAL A 718 -20.75 -4.65 40.86
CA VAL A 718 -20.95 -6.01 40.37
C VAL A 718 -20.04 -6.95 41.14
N ARG A 719 -20.59 -8.07 41.61
CA ARG A 719 -19.77 -9.10 42.21
C ARG A 719 -18.98 -9.82 41.13
N LEU A 720 -17.68 -9.93 41.33
CA LEU A 720 -16.81 -10.54 40.34
C LEU A 720 -16.62 -12.03 40.64
N SER A 721 -16.10 -12.75 39.64
CA SER A 721 -15.85 -14.18 39.82
C SER A 721 -14.82 -14.41 40.93
N ASP A 722 -13.65 -13.79 40.81
CA ASP A 722 -12.59 -13.91 41.80
C ASP A 722 -11.93 -12.55 42.06
N GLY A 723 -12.74 -11.51 42.20
CA GLY A 723 -12.28 -10.21 42.67
C GLY A 723 -13.20 -9.72 43.75
N THR A 724 -14.36 -10.38 43.81
CA THR A 724 -15.32 -10.36 44.91
C THR A 724 -16.14 -9.09 44.98
N MET A 725 -15.73 -8.03 44.26
CA MET A 725 -16.56 -6.83 44.05
C MET A 725 -15.82 -5.77 43.24
N ALA A 726 -16.55 -5.07 42.38
CA ALA A 726 -16.03 -3.91 41.64
C ALA A 726 -16.80 -2.67 42.06
N ARG A 727 -16.08 -1.60 42.37
CA ARG A 727 -16.68 -0.41 42.95
C ARG A 727 -17.37 0.42 41.87
N LYS A 728 -18.17 1.39 42.33
CA LYS A 728 -18.98 2.23 41.48
C LYS A 728 -18.34 3.63 41.40
N LEU A 729 -17.89 4.02 40.22
CA LEU A 729 -17.27 5.33 40.05
C LEU A 729 -18.32 6.43 40.17
N ARG A 730 -17.94 7.53 40.82
CA ARG A 730 -18.87 8.64 40.95
C ARG A 730 -18.15 9.96 40.73
N TYR A 731 -18.94 10.96 40.35
CA TYR A 731 -18.44 12.19 39.76
C TYR A 731 -18.26 13.22 40.87
N THR A 732 -17.00 13.37 41.31
CA THR A 732 -16.69 14.25 42.42
C THR A 732 -16.93 15.71 42.06
N HIS A 733 -16.25 16.20 41.03
CA HIS A 733 -16.25 17.60 40.65
C HIS A 733 -17.01 17.78 39.33
N HIS A 734 -17.08 19.01 38.85
CA HIS A 734 -17.92 19.34 37.71
C HIS A 734 -17.07 19.69 36.48
N ASP A 735 -17.63 19.39 35.31
CA ASP A 735 -17.01 19.69 34.02
C ASP A 735 -17.87 20.74 33.33
N ARG A 736 -17.37 21.98 33.28
CA ARG A 736 -18.13 23.06 32.65
C ARG A 736 -18.18 22.89 31.14
N LYS A 737 -17.16 22.27 30.55
CA LYS A 737 -17.20 22.00 29.11
C LYS A 737 -18.31 21.02 28.77
N ASN A 738 -18.45 19.95 29.54
CA ASN A 738 -19.44 18.92 29.26
C ASN A 738 -20.74 19.09 30.03
N GLY A 739 -20.75 19.84 31.12
CA GLY A 739 -21.98 20.18 31.81
C GLY A 739 -22.43 19.11 32.79
N ARG A 740 -23.68 18.69 32.67
CA ARG A 740 -24.25 17.70 33.57
C ARG A 740 -25.44 17.03 32.88
N SER A 741 -25.81 15.87 33.40
CA SER A 741 -26.83 15.05 32.75
C SER A 741 -28.21 15.38 33.31
N SER A 742 -29.20 14.56 32.94
CA SER A 742 -30.58 14.84 33.32
C SER A 742 -30.75 14.98 34.83
N SER A 743 -30.01 14.19 35.60
CA SER A 743 -30.10 14.24 37.06
C SER A 743 -29.33 15.40 37.67
N GLY A 744 -28.54 16.13 36.89
CA GLY A 744 -27.70 17.16 37.45
C GLY A 744 -26.43 16.64 38.09
N ALA A 745 -25.99 15.45 37.71
CA ALA A 745 -24.77 14.87 38.26
C ALA A 745 -23.55 15.67 37.82
N LEU A 746 -22.50 15.62 38.65
CA LEU A 746 -21.38 16.54 38.49
C LEU A 746 -20.73 16.44 37.12
N ARG A 747 -20.51 15.21 36.63
CA ARG A 747 -19.91 14.86 35.32
C ARG A 747 -18.39 15.01 35.26
N GLY A 748 -17.73 15.29 36.37
CA GLY A 748 -16.28 15.27 36.41
C GLY A 748 -15.81 14.38 37.54
N VAL A 749 -14.72 13.66 37.29
CA VAL A 749 -14.27 12.62 38.21
C VAL A 749 -13.00 12.99 38.95
N CYS A 750 -12.39 14.14 38.64
CA CYS A 750 -11.18 14.54 39.34
C CYS A 750 -11.04 16.05 39.26
N SER A 751 -10.04 16.57 39.97
CA SER A 751 -9.81 18.01 40.03
C SER A 751 -9.13 18.55 38.77
N CYS A 752 -8.93 17.72 37.74
CA CYS A 752 -8.38 18.20 36.48
C CYS A 752 -9.35 19.10 35.75
N VAL A 753 -10.66 18.77 35.81
CA VAL A 753 -11.62 19.32 34.86
C VAL A 753 -12.14 20.71 35.22
N GLU A 754 -11.73 21.27 36.36
CA GLU A 754 -12.28 22.56 36.77
C GLU A 754 -11.57 23.74 36.11
N ALA A 755 -10.27 23.92 36.43
CA ALA A 755 -9.50 25.01 35.87
C ALA A 755 -8.07 24.60 35.52
N GLY A 756 -7.79 23.30 35.46
CA GLY A 756 -6.44 22.84 35.21
C GLY A 756 -5.49 23.19 36.32
N LYS A 757 -5.82 22.80 37.57
CA LYS A 757 -4.97 23.08 38.74
C LYS A 757 -4.05 21.91 39.06
N ALA A 758 -4.60 20.77 39.47
CA ALA A 758 -3.83 19.56 39.77
C ALA A 758 -4.79 18.43 40.12
N CYS A 759 -4.29 17.20 39.99
CA CYS A 759 -5.03 16.02 40.41
C CYS A 759 -4.85 15.80 41.91
N ASP A 760 -5.97 15.74 42.64
CA ASP A 760 -5.90 15.30 44.03
C ASP A 760 -5.95 13.78 44.10
N PRO A 761 -5.04 13.13 44.83
CA PRO A 761 -5.06 11.66 44.90
C PRO A 761 -6.31 11.10 45.60
N ALA A 762 -7.07 11.92 46.32
CA ALA A 762 -8.30 11.45 46.94
C ALA A 762 -9.42 11.26 45.92
N ALA A 763 -9.39 12.01 44.82
CA ALA A 763 -10.42 11.89 43.81
C ALA A 763 -10.28 10.62 42.98
N ARG A 764 -9.10 9.99 43.01
CA ARG A 764 -8.91 8.72 42.32
C ARG A 764 -9.72 7.62 42.99
N GLN A 765 -10.37 6.79 42.17
CA GLN A 765 -11.28 5.76 42.66
C GLN A 765 -10.84 4.42 42.08
N PHE A 766 -10.25 3.57 42.92
CA PHE A 766 -9.70 2.28 42.49
C PHE A 766 -10.80 1.25 42.22
N ASN A 767 -10.44 0.25 41.41
CA ASN A 767 -11.25 -0.96 41.23
C ASN A 767 -12.68 -0.64 40.82
N THR A 768 -12.82 0.38 39.98
CA THR A 768 -14.12 0.78 39.47
C THR A 768 -14.44 0.07 38.17
N LEU A 769 -15.74 -0.14 37.94
CA LEU A 769 -16.18 -0.80 36.71
C LEU A 769 -15.89 0.09 35.50
N ILE A 770 -16.41 1.31 35.50
CA ILE A 770 -16.01 2.32 34.54
C ILE A 770 -14.59 2.75 34.90
N PRO A 771 -13.58 2.39 34.12
CA PRO A 771 -12.20 2.73 34.48
C PRO A 771 -12.06 4.22 34.78
N TRP A 772 -11.34 4.52 35.85
CA TRP A 772 -11.26 5.89 36.33
C TRP A 772 -10.39 6.75 35.40
N CYS A 773 -9.33 6.17 34.83
CA CYS A 773 -8.38 6.96 34.06
C CYS A 773 -8.93 7.44 32.72
N LEU A 774 -10.05 6.89 32.25
CA LEU A 774 -10.58 7.29 30.94
C LEU A 774 -11.37 8.59 31.02
N PRO A 775 -12.30 8.75 31.97
CA PRO A 775 -12.87 10.10 32.17
C PRO A 775 -11.86 11.08 32.71
N HIS A 776 -10.81 10.59 33.38
CA HIS A 776 -9.79 11.47 33.93
C HIS A 776 -9.12 12.29 32.84
N THR A 777 -8.84 11.69 31.68
CA THR A 777 -8.11 12.39 30.63
C THR A 777 -8.83 12.35 29.29
N GLY A 778 -10.13 12.02 29.28
CA GLY A 778 -10.83 11.82 28.02
C GLY A 778 -10.98 13.08 27.18
N ASN A 779 -11.02 14.24 27.82
CA ASN A 779 -11.27 15.47 27.07
C ASN A 779 -10.13 15.80 26.12
N ARG A 780 -8.90 15.41 26.45
CA ARG A 780 -7.76 15.61 25.57
C ARG A 780 -7.36 14.35 24.81
N HIS A 781 -8.20 13.31 24.83
CA HIS A 781 -7.91 12.08 24.08
C HIS A 781 -9.10 11.63 23.24
N ASN A 782 -9.97 12.56 22.87
CA ASN A 782 -11.15 12.27 22.05
C ASN A 782 -12.06 11.25 22.73
N HIS A 783 -12.19 11.35 24.05
CA HIS A 783 -13.08 10.51 24.83
C HIS A 783 -12.66 9.03 24.79
N TRP A 784 -11.36 8.80 24.54
CA TRP A 784 -10.79 7.45 24.48
C TRP A 784 -11.68 6.53 23.67
N ALA A 785 -12.08 7.00 22.48
CA ALA A 785 -12.95 6.22 21.62
C ALA A 785 -12.29 4.90 21.24
N GLY A 786 -13.06 3.81 21.31
CA GLY A 786 -12.58 2.50 20.95
C GLY A 786 -12.11 1.65 22.12
N LEU A 787 -11.71 2.24 23.24
CA LEU A 787 -11.23 1.46 24.36
C LEU A 787 -12.37 0.66 24.96
N TYR A 788 -12.07 -0.62 25.28
CA TYR A 788 -13.10 -1.62 25.57
C TYR A 788 -14.17 -1.64 24.48
N GLY A 789 -13.70 -1.54 23.24
CA GLY A 789 -14.59 -1.47 22.09
C GLY A 789 -14.72 -2.81 21.39
N ARG A 790 -15.94 -3.10 20.94
CA ARG A 790 -16.16 -4.34 20.21
C ARG A 790 -15.91 -4.12 18.73
N LEU A 791 -15.51 -5.19 18.05
CA LEU A 791 -15.51 -5.16 16.60
C LEU A 791 -16.94 -5.32 16.10
N GLU A 792 -17.16 -4.99 14.83
CA GLU A 792 -18.45 -5.16 14.19
C GLU A 792 -18.30 -6.17 13.07
N TRP A 793 -19.31 -7.03 12.91
CA TRP A 793 -19.23 -8.06 11.87
C TRP A 793 -19.02 -7.46 10.48
N ASP A 794 -19.67 -6.34 10.19
CA ASP A 794 -19.57 -5.70 8.88
C ASP A 794 -18.38 -4.76 8.75
N GLY A 795 -17.65 -4.53 9.83
CA GLY A 795 -16.56 -3.57 9.84
C GLY A 795 -15.21 -4.20 9.61
N PHE A 796 -14.18 -3.51 10.08
CA PHE A 796 -12.81 -4.00 9.97
C PHE A 796 -12.11 -3.85 11.31
N PHE A 797 -11.00 -4.58 11.45
CA PHE A 797 -10.14 -4.42 12.61
C PHE A 797 -9.42 -3.08 12.57
N SER A 798 -9.23 -2.47 13.74
CA SER A 798 -8.19 -1.47 13.86
C SER A 798 -6.84 -2.16 13.81
N THR A 799 -5.76 -1.38 13.82
CA THR A 799 -4.42 -1.92 13.64
C THR A 799 -4.12 -3.00 14.67
N THR A 800 -3.75 -4.20 14.19
CA THR A 800 -3.46 -5.33 15.08
C THR A 800 -2.09 -5.13 15.73
N VAL A 801 -2.07 -4.98 17.04
CA VAL A 801 -0.87 -4.63 17.79
C VAL A 801 -0.29 -5.86 18.50
N THR A 802 0.88 -5.70 19.13
CA THR A 802 1.59 -6.86 19.68
C THR A 802 0.95 -7.42 20.94
N ASN A 803 0.13 -6.65 21.64
CA ASN A 803 -0.53 -7.12 22.87
C ASN A 803 -1.91 -6.51 22.96
N PRO A 804 -2.94 -7.23 22.51
CA PRO A 804 -4.30 -6.67 22.53
C PRO A 804 -4.81 -6.53 23.95
N GLU A 805 -5.10 -5.29 24.35
CA GLU A 805 -5.62 -5.06 25.68
C GLU A 805 -6.68 -3.96 25.60
N PRO A 806 -7.84 -4.16 26.20
CA PRO A 806 -8.95 -3.22 26.00
C PRO A 806 -8.68 -1.79 26.47
N MET A 807 -7.71 -1.58 27.37
CA MET A 807 -7.35 -0.23 27.76
C MET A 807 -6.06 0.26 27.11
N GLY A 808 -5.56 -0.45 26.10
CA GLY A 808 -4.51 0.12 25.27
C GLY A 808 -5.06 1.17 24.34
N LYS A 809 -4.16 1.99 23.77
CA LYS A 809 -4.58 3.04 22.86
C LYS A 809 -5.38 2.45 21.69
N GLN A 810 -4.95 1.31 21.18
CA GLN A 810 -5.74 0.56 20.22
C GLN A 810 -6.58 -0.47 20.99
N GLY A 811 -7.56 0.04 21.70
CA GLY A 811 -8.34 -0.76 22.64
C GLY A 811 -9.54 -1.50 22.09
N ARG A 812 -9.80 -1.40 20.79
CA ARG A 812 -10.97 -2.02 20.17
C ARG A 812 -10.66 -3.47 19.84
N VAL A 813 -10.53 -4.26 20.90
CA VAL A 813 -10.03 -5.64 20.81
C VAL A 813 -11.06 -6.67 21.24
N LEU A 814 -12.27 -6.25 21.60
CA LEU A 814 -13.29 -7.17 22.06
C LEU A 814 -13.98 -7.86 20.89
N HIS A 815 -14.32 -9.14 21.09
CA HIS A 815 -15.06 -9.92 20.11
C HIS A 815 -16.44 -9.29 19.88
N PRO A 816 -16.99 -9.38 18.67
CA PRO A 816 -18.32 -8.78 18.41
C PRO A 816 -19.42 -9.33 19.30
N GLU A 817 -19.33 -10.60 19.72
CA GLU A 817 -20.38 -11.20 20.54
C GLU A 817 -19.88 -11.78 21.85
N GLN A 818 -18.74 -12.46 21.85
CA GLN A 818 -18.26 -13.10 23.07
C GLN A 818 -17.57 -12.07 23.98
N HIS A 819 -17.59 -12.36 25.28
CA HIS A 819 -17.11 -11.40 26.28
C HIS A 819 -15.63 -11.66 26.54
N ARG A 820 -14.80 -11.23 25.59
CA ARG A 820 -13.39 -11.60 25.63
C ARG A 820 -12.61 -10.81 24.60
N VAL A 821 -11.30 -10.76 24.81
CA VAL A 821 -10.38 -10.23 23.80
C VAL A 821 -10.29 -11.21 22.63
N VAL A 822 -10.01 -10.67 21.43
CA VAL A 822 -9.82 -11.53 20.28
C VAL A 822 -8.67 -12.51 20.56
N SER A 823 -8.77 -13.69 19.95
CA SER A 823 -7.80 -14.74 20.16
C SER A 823 -6.58 -14.53 19.27
N VAL A 824 -5.55 -15.35 19.51
CA VAL A 824 -4.37 -15.32 18.65
C VAL A 824 -4.75 -15.66 17.22
N ARG A 825 -5.54 -16.71 17.04
CA ARG A 825 -5.99 -17.08 15.69
C ARG A 825 -6.72 -15.94 15.01
N GLU A 826 -7.62 -15.25 15.72
CA GLU A 826 -8.36 -14.13 15.13
C GLU A 826 -7.42 -12.98 14.74
N CYS A 827 -6.43 -12.70 15.59
CA CYS A 827 -5.42 -11.71 15.23
C CYS A 827 -4.63 -12.14 14.00
N ALA A 828 -4.32 -13.44 13.89
CA ALA A 828 -3.63 -13.95 12.71
C ALA A 828 -4.51 -13.83 11.46
N ARG A 829 -5.81 -14.09 11.63
CA ARG A 829 -6.74 -13.94 10.52
C ARG A 829 -6.84 -12.47 10.08
N SER A 830 -6.80 -11.53 11.04
CA SER A 830 -6.83 -10.12 10.68
C SER A 830 -5.58 -9.71 9.90
N GLN A 831 -4.50 -10.46 10.05
CA GLN A 831 -3.26 -10.20 9.34
C GLN A 831 -3.13 -11.02 8.07
N GLY A 832 -4.10 -11.89 7.78
CA GLY A 832 -4.05 -12.68 6.56
C GLY A 832 -3.14 -13.89 6.61
N PHE A 833 -2.79 -14.37 7.81
CA PHE A 833 -1.97 -15.57 7.89
C PHE A 833 -2.80 -16.81 7.57
N PRO A 834 -2.28 -17.74 6.77
CA PRO A 834 -2.92 -19.06 6.68
C PRO A 834 -3.06 -19.68 8.05
N ASP A 835 -4.14 -20.44 8.24
CA ASP A 835 -4.34 -21.14 9.51
C ASP A 835 -3.25 -22.15 9.79
N THR A 836 -2.52 -22.61 8.78
CA THR A 836 -1.43 -23.54 8.98
C THR A 836 -0.14 -22.85 9.38
N TYR A 837 -0.14 -21.53 9.53
CA TYR A 837 1.10 -20.82 9.81
C TYR A 837 1.44 -20.96 11.29
N ARG A 838 2.62 -21.52 11.56
CA ARG A 838 3.00 -21.85 12.92
C ARG A 838 3.54 -20.63 13.65
N LEU A 839 3.13 -20.50 14.90
CA LEU A 839 3.64 -19.50 15.84
C LEU A 839 4.35 -20.26 16.95
N PHE A 840 5.01 -19.54 17.85
CA PHE A 840 5.82 -20.23 18.85
C PHE A 840 5.91 -19.45 20.14
N GLY A 841 5.77 -20.16 21.26
CA GLY A 841 5.98 -19.60 22.59
C GLY A 841 4.68 -19.52 23.38
N ASN A 842 4.72 -18.74 24.45
CA ASN A 842 3.52 -18.50 25.20
C ASN A 842 2.60 -17.55 24.42
N ILE A 843 1.42 -17.27 24.98
CA ILE A 843 0.39 -16.58 24.21
C ILE A 843 0.80 -15.14 23.92
N LEU A 844 1.54 -14.50 24.82
CA LEU A 844 2.02 -13.14 24.54
C LEU A 844 3.09 -13.13 23.47
N ASP A 845 3.96 -14.15 23.46
CA ASP A 845 4.89 -14.33 22.35
C ASP A 845 4.13 -14.44 21.03
N LYS A 846 3.04 -15.20 21.01
CA LYS A 846 2.33 -15.42 19.76
C LYS A 846 1.63 -14.14 19.30
N HIS A 847 1.02 -13.39 20.23
CA HIS A 847 0.42 -12.11 19.87
C HIS A 847 1.44 -11.15 19.28
N ARG A 848 2.66 -11.14 19.84
CA ARG A 848 3.69 -10.22 19.38
C ARG A 848 4.18 -10.58 17.98
N GLN A 849 4.36 -11.87 17.72
CA GLN A 849 4.77 -12.33 16.40
C GLN A 849 3.73 -11.93 15.35
N VAL A 850 2.45 -12.04 15.68
CA VAL A 850 1.40 -11.69 14.73
C VAL A 850 1.34 -10.17 14.58
N GLY A 851 1.37 -9.45 15.70
CA GLY A 851 1.22 -8.00 15.65
C GLY A 851 2.37 -7.27 14.99
N ASN A 852 3.58 -7.82 15.04
CA ASN A 852 4.75 -7.21 14.40
C ASN A 852 4.77 -7.45 12.89
N ALA A 853 3.96 -8.35 12.37
CA ALA A 853 4.18 -8.90 11.05
C ALA A 853 3.63 -8.01 9.93
N VAL A 854 4.29 -8.08 8.78
CA VAL A 854 3.69 -7.62 7.53
C VAL A 854 2.60 -8.61 7.11
N PRO A 855 1.37 -8.15 6.86
CA PRO A 855 0.33 -9.07 6.34
C PRO A 855 0.78 -9.74 5.06
N PRO A 856 0.71 -11.07 4.99
CA PRO A 856 1.12 -11.79 3.78
C PRO A 856 0.40 -11.32 2.52
N PRO A 857 -0.90 -10.99 2.56
CA PRO A 857 -1.53 -10.51 1.31
C PRO A 857 -0.94 -9.21 0.82
N LEU A 858 -0.48 -8.34 1.74
CA LEU A 858 0.23 -7.14 1.33
C LEU A 858 1.60 -7.49 0.74
N ALA A 859 2.36 -8.35 1.44
CA ALA A 859 3.65 -8.76 0.90
C ALA A 859 3.50 -9.49 -0.43
N LYS A 860 2.47 -10.32 -0.56
CA LYS A 860 2.22 -11.00 -1.84
C LYS A 860 1.98 -10.00 -2.97
N ALA A 861 1.18 -8.95 -2.71
CA ALA A 861 0.89 -7.96 -3.76
C ALA A 861 2.17 -7.26 -4.21
N ILE A 862 2.98 -6.82 -3.26
CA ILE A 862 4.29 -6.24 -3.57
C ILE A 862 5.15 -7.24 -4.34
N GLY A 863 5.14 -8.50 -3.92
CA GLY A 863 5.97 -9.49 -4.58
C GLY A 863 5.60 -9.73 -6.02
N LEU A 864 4.30 -9.68 -6.34
CA LEU A 864 3.90 -9.84 -7.73
C LEU A 864 4.38 -8.69 -8.60
N GLU A 865 4.53 -7.49 -8.02
CA GLU A 865 5.10 -6.37 -8.76
C GLU A 865 6.58 -6.61 -9.05
N ILE A 866 7.30 -7.17 -8.07
CA ILE A 866 8.70 -7.54 -8.29
C ILE A 866 8.79 -8.61 -9.36
N LYS A 867 7.82 -9.53 -9.41
CA LYS A 867 7.84 -10.59 -10.41
C LYS A 867 7.79 -10.02 -11.82
N LEU A 868 6.98 -8.98 -12.03
CA LEU A 868 6.91 -8.35 -13.35
C LEU A 868 8.27 -7.80 -13.77
N CYS A 869 9.03 -7.25 -12.82
CA CYS A 869 10.36 -6.75 -13.14
C CYS A 869 11.32 -7.89 -13.46
N MET A 870 11.17 -9.03 -12.77
CA MET A 870 11.98 -10.19 -13.10
C MET A 870 11.66 -10.68 -14.52
N LEU A 871 10.39 -10.63 -14.91
CA LEU A 871 10.02 -11.08 -16.24
C LEU A 871 10.40 -10.06 -17.30
N ALA A 872 10.34 -8.77 -16.99
CA ALA A 872 10.57 -7.73 -17.98
C ALA A 872 12.05 -7.55 -18.30
N LYS A 873 12.94 -7.79 -17.35
CA LYS A 873 14.37 -7.68 -17.63
C LYS A 873 14.80 -8.68 -18.70
N ALA A 874 14.68 -9.96 -18.41
CA ALA A 874 15.03 -11.02 -19.36
C ALA A 874 14.27 -12.30 -19.04
#